data_3LP0
#
_entry.id   3LP0
#
_cell.length_a   118.299
_cell.length_b   154.184
_cell.length_c   153.168
_cell.angle_alpha   90.00
_cell.angle_beta   90.00
_cell.angle_gamma   90.00
#
_symmetry.space_group_name_H-M   'C 2 2 21'
#
loop_
_entity.id
_entity.type
_entity.pdbx_description
1 polymer 'Reverse transcriptase/ribonuclease H'
2 polymer 'p51 RT'
3 non-polymer 'MANGANESE (II) ION'
4 non-polymer 'ethyl 1,4-dihydroxy-2-oxo-1,2-dihydro-1,8-naphthyridine-3-carboxylate'
5 non-polymer "11-CYCLOPROPYL-5,11-DIHYDRO-4-METHYL-6H-DIPYRIDO[3,2-B:2',3'-E][1,4]DIAZEPIN-6-ONE"
6 water water
#
loop_
_entity_poly.entity_id
_entity_poly.type
_entity_poly.pdbx_seq_one_letter_code
_entity_poly.pdbx_strand_id
1 'polypeptide(L)'
;MNSPISPIETVPVKLKPGMDGPKVKQWPLTEEKIKALVEICTEMEKEGKISKIGPENPYNTPVFAIKKKDSTKWRKLVDF
RELNKRTQDFWEVQLGIPHPAGLKKNKSVTVLDVGDAYFSVPLDEDFRKYTAFTIPSINNETPGIRYQYNVLPQGWKGSP
AIFQSSMTKILEPFRKQNPDIVIYQYMDDLYVGSDLEIGQHRTKIEELRQHLLRWGLTTPDKKHQKEPPFLWMGYELHPD
KWTVQPIVLPEKDSWTVNDIQKLVGKLNWASQIYPGIKVRQLCKLLRGTKALTEVIPLTEEAELELAENREILKEPVHGV
YYDPSKDLIAEIQKQGQGQWTYQIYQEPFKNLKTGKYARMRGAHTNDVKQLTEAVQKITTESIVIWGKTPKFKLPIQKET
WETWWTEYWQATWIPEWEFVNTPPLVKLWYQLEKEPIVGAETFYVDGAANRETKLGKAGYVTNRGRQKVVTLTDTTNQKT
ELQAIYLALQDSGLEVNIVTDSQYALGIIQAQPDQSESELVNQIIEQLIKKEKVYLAWVPAHKGIGGNEQVDKLVSAGIR
KVL
;
A
2 'polypeptide(L)'
;MNSPISPIETVPVKLKPGMDGPKVKQWPLTEEKIKALVEICTEMEKEGKISKIGPENPYNTPVFAIKKKDSTKWRKLVDF
RELNKRTQDFWEVQLGIPHPAGLKKNKSVTVLDVGDAYFSVPLDEDFRKYTAFTIPSINNETPGIRYQYNVLPQGWKGSP
AIFQSSMTKILEPFRKQNPDIVIYQYMDDLYVGSDLEIGQHRTKIEELRQHLLRWGLTTPDKKHQKEPPFLWMGYELHPD
KWTVQPIVLPEKDSWTVNDIQKLVGKLNWASQIYPGIKVRQLCKLLRGTKALTEVIPLTEEAELELAENREILKEPVHGV
YYDPSKDLIAEIQKQGQGQWTYQIYQEPFKNLKTGKYARMRGAHTNDVKQLTEAVQKITTESIVIWGKTPKFKLPIQKET
WETWWTEYWQATWIPEWEFVNTPPLVKLWYQLEKEPIVGAETF
;
B
#
loop_
_chem_comp.id
_chem_comp.type
_chem_comp.name
_chem_comp.formula
LP7 non-polymer 'ethyl 1,4-dihydroxy-2-oxo-1,2-dihydro-1,8-naphthyridine-3-carboxylate' 'C11 H12 N2 O5'
MN non-polymer 'MANGANESE (II) ION' 'Mn 2'
NVP non-polymer 11-CYCLOPROPYL-5,11-DIHYDRO-4-METHYL-6H-DIPYRIDO[3,2-B:2',3'-E][1,4]DIAZEPIN-6-ONE 'C15 H14 N4 O'
#
# COMPACT_ATOMS: atom_id res chain seq x y z
N SER A 3 -18.42 11.26 42.06
CA SER A 3 -17.96 10.85 40.69
C SER A 3 -18.26 9.36 40.44
N PRO A 4 -19.37 9.06 39.74
CA PRO A 4 -19.86 7.70 39.45
C PRO A 4 -18.82 6.74 38.87
N ILE A 5 -19.01 5.45 39.13
CA ILE A 5 -18.03 4.42 38.76
C ILE A 5 -18.58 3.38 37.77
N SER A 6 -19.66 3.73 37.06
CA SER A 6 -20.17 3.01 35.87
C SER A 6 -20.42 1.49 35.98
N PRO A 7 -21.66 1.05 35.72
CA PRO A 7 -22.05 -0.36 35.82
C PRO A 7 -21.72 -1.23 34.59
N ILE A 8 -20.59 -0.98 33.94
CA ILE A 8 -20.23 -1.68 32.70
C ILE A 8 -19.70 -3.09 32.95
N GLU A 9 -19.85 -3.94 31.94
CA GLU A 9 -19.06 -5.17 31.82
C GLU A 9 -17.57 -4.82 31.90
N THR A 10 -16.75 -5.81 32.24
CA THR A 10 -15.32 -5.58 32.42
C THR A 10 -14.55 -6.12 31.21
N VAL A 11 -13.38 -5.55 30.95
CA VAL A 11 -12.55 -5.98 29.81
C VAL A 11 -11.39 -6.85 30.32
N PRO A 12 -11.37 -8.13 29.94
CA PRO A 12 -10.36 -9.09 30.40
C PRO A 12 -8.93 -8.73 29.96
N VAL A 13 -8.13 -8.24 30.91
CA VAL A 13 -6.75 -7.84 30.62
C VAL A 13 -5.78 -8.90 31.11
N LYS A 14 -4.74 -9.16 30.33
CA LYS A 14 -3.67 -10.06 30.70
C LYS A 14 -2.31 -9.33 30.64
N LEU A 15 -1.24 -10.07 30.91
CA LEU A 15 0.12 -9.56 30.79
C LEU A 15 0.85 -10.26 29.64
N LYS A 16 1.86 -9.59 29.08
CA LYS A 16 2.64 -10.14 27.97
C LYS A 16 3.29 -11.49 28.35
N PRO A 17 2.89 -12.57 27.64
CA PRO A 17 3.21 -13.98 27.89
C PRO A 17 4.58 -14.27 28.55
N GLY A 18 4.56 -15.10 29.59
CA GLY A 18 5.77 -15.47 30.31
C GLY A 18 6.10 -14.51 31.43
N MET A 19 5.80 -13.24 31.23
CA MET A 19 6.15 -12.18 32.18
C MET A 19 5.20 -12.10 33.38
N ASP A 20 5.76 -11.80 34.54
CA ASP A 20 5.00 -11.57 35.77
C ASP A 20 4.87 -10.07 35.98
N GLY A 21 3.95 -9.64 36.84
CA GLY A 21 3.72 -8.22 37.15
C GLY A 21 4.91 -7.47 37.72
N PRO A 22 4.81 -6.12 37.79
CA PRO A 22 5.97 -5.31 38.20
C PRO A 22 6.24 -5.40 39.70
N LYS A 23 7.52 -5.33 40.07
CA LYS A 23 7.94 -5.38 41.46
C LYS A 23 9.00 -4.31 41.74
N VAL A 24 8.75 -3.11 41.22
CA VAL A 24 9.70 -2.00 41.37
C VAL A 24 9.54 -1.36 42.75
N LYS A 25 10.67 -1.23 43.45
CA LYS A 25 10.70 -0.70 44.81
C LYS A 25 10.23 0.74 44.87
N GLN A 26 9.51 1.09 45.94
CA GLN A 26 9.07 2.45 46.19
C GLN A 26 10.21 3.26 46.77
N TRP A 27 10.58 4.34 46.09
CA TRP A 27 11.53 5.29 46.64
C TRP A 27 10.87 6.02 47.80
N PRO A 28 11.61 6.28 48.90
CA PRO A 28 11.07 7.08 50.00
C PRO A 28 10.88 8.55 49.61
N LEU A 29 9.73 9.12 49.97
CA LEU A 29 9.43 10.52 49.64
C LEU A 29 9.52 11.43 50.88
N THR A 30 9.44 12.74 50.66
CA THR A 30 9.45 13.72 51.74
C THR A 30 8.12 13.70 52.51
N GLU A 31 8.12 14.35 53.67
CA GLU A 31 6.97 14.34 54.57
C GLU A 31 5.73 15.07 54.00
N GLU A 32 5.95 16.22 53.38
CA GLU A 32 4.87 16.96 52.72
C GLU A 32 4.29 16.16 51.54
N LYS A 33 5.18 15.45 50.83
CA LYS A 33 4.78 14.56 49.74
C LYS A 33 3.99 13.35 50.24
N ILE A 34 4.48 12.72 51.32
CA ILE A 34 3.79 11.57 51.92
C ILE A 34 2.42 11.96 52.50
N LYS A 35 2.35 13.13 53.12
CA LYS A 35 1.10 13.67 53.66
C LYS A 35 0.08 13.89 52.53
N ALA A 36 0.50 14.63 51.50
CA ALA A 36 -0.35 14.96 50.36
C ALA A 36 -0.95 13.73 49.71
N LEU A 37 -0.15 12.67 49.58
CA LEU A 37 -0.60 11.42 48.97
C LEU A 37 -1.70 10.76 49.79
N VAL A 38 -1.57 10.79 51.12
CA VAL A 38 -2.60 10.21 52.00
C VAL A 38 -3.93 10.96 51.85
N GLU A 39 -3.89 12.29 51.83
CA GLU A 39 -5.09 13.10 51.60
C GLU A 39 -5.77 12.71 50.30
N ILE A 40 -4.99 12.62 49.23
CA ILE A 40 -5.50 12.24 47.92
C ILE A 40 -6.03 10.81 47.91
N CYS A 41 -5.22 9.86 48.38
CA CYS A 41 -5.56 8.45 48.29
C CYS A 41 -6.80 8.05 49.08
N THR A 42 -6.97 8.61 50.27
CA THR A 42 -8.14 8.32 51.09
C THR A 42 -9.41 8.91 50.47
N GLU A 43 -9.26 10.07 49.81
CA GLU A 43 -10.34 10.70 49.06
C GLU A 43 -10.77 9.80 47.89
N MET A 44 -9.79 9.27 47.17
CA MET A 44 -10.04 8.33 46.06
C MET A 44 -10.61 7.01 46.56
N GLU A 45 -10.19 6.62 47.77
CA GLU A 45 -10.63 5.39 48.41
C GLU A 45 -12.12 5.42 48.71
N LYS A 46 -12.60 6.56 49.21
CA LYS A 46 -14.01 6.72 49.56
C LYS A 46 -14.92 6.76 48.33
N GLU A 47 -14.33 7.11 47.19
CA GLU A 47 -15.06 7.20 45.92
C GLU A 47 -15.09 5.86 45.17
N GLY A 48 -14.30 4.90 45.62
CA GLY A 48 -14.26 3.56 45.01
C GLY A 48 -13.16 3.42 43.97
N LYS A 49 -12.44 4.51 43.74
CA LYS A 49 -11.37 4.56 42.74
C LYS A 49 -10.22 3.63 43.10
N ILE A 50 -9.84 3.62 44.38
CA ILE A 50 -8.80 2.71 44.87
C ILE A 50 -9.22 1.99 46.15
N SER A 51 -8.63 0.82 46.40
CA SER A 51 -8.93 0.03 47.60
C SER A 51 -7.68 -0.49 48.32
N LYS A 52 -7.78 -0.61 49.64
CA LYS A 52 -6.67 -1.08 50.48
C LYS A 52 -6.39 -2.56 50.29
N ILE A 53 -5.10 -2.90 50.35
CA ILE A 53 -4.64 -4.29 50.35
C ILE A 53 -3.47 -4.41 51.35
N GLY A 54 -2.86 -5.59 51.42
CA GLY A 54 -1.68 -5.79 52.26
C GLY A 54 -0.48 -6.35 51.50
N PRO A 55 0.70 -6.41 52.15
CA PRO A 55 1.95 -6.92 51.53
C PRO A 55 1.94 -8.41 51.14
N GLU A 56 0.79 -9.07 51.25
CA GLU A 56 0.58 -10.41 50.68
C GLU A 56 0.55 -10.31 49.15
N ASN A 57 -0.02 -9.20 48.66
CA ASN A 57 0.08 -8.79 47.28
C ASN A 57 1.53 -8.34 47.03
N PRO A 58 2.25 -9.05 46.15
CA PRO A 58 3.70 -8.89 45.97
C PRO A 58 4.12 -7.77 45.02
N TYR A 59 3.15 -7.12 44.37
CA TYR A 59 3.44 -6.16 43.30
C TYR A 59 3.55 -4.72 43.79
N ASN A 60 4.39 -3.94 43.11
CA ASN A 60 4.51 -2.52 43.40
C ASN A 60 4.85 -1.66 42.17
N THR A 61 4.24 -0.47 42.13
CA THR A 61 4.59 0.57 41.16
C THR A 61 4.83 1.87 41.95
N PRO A 62 5.94 2.57 41.68
CA PRO A 62 6.25 3.79 42.44
C PRO A 62 5.23 4.91 42.27
N VAL A 63 5.17 5.78 43.27
CA VAL A 63 4.33 6.98 43.22
C VAL A 63 5.12 8.26 43.43
N PHE A 64 4.53 9.39 43.07
CA PHE A 64 5.16 10.69 43.20
C PHE A 64 4.10 11.79 43.35
N ALA A 65 4.52 12.95 43.82
CA ALA A 65 3.64 14.09 44.00
C ALA A 65 4.31 15.36 43.49
N ILE A 66 3.59 16.11 42.66
CA ILE A 66 4.13 17.34 42.07
C ILE A 66 3.23 18.54 42.35
N LYS A 67 3.75 19.73 42.08
CA LYS A 67 2.99 20.99 42.18
C LYS A 67 2.53 21.45 40.80
N SER A 71 1.01 26.37 42.57
CA SER A 71 -0.28 25.98 43.13
C SER A 71 -0.14 25.51 44.58
N THR A 72 -1.25 25.51 45.31
CA THR A 72 -1.23 25.25 46.76
C THR A 72 -1.67 23.82 47.14
N LYS A 73 -2.03 23.02 46.15
CA LYS A 73 -2.31 21.61 46.38
C LYS A 73 -1.66 20.70 45.32
N TRP A 74 -1.54 19.42 45.65
CA TRP A 74 -0.74 18.48 44.87
C TRP A 74 -1.57 17.63 43.93
N ARG A 75 -0.91 17.07 42.91
CA ARG A 75 -1.47 15.97 42.13
C ARG A 75 -0.57 14.74 42.23
N LYS A 76 -1.20 13.58 42.31
CA LYS A 76 -0.51 12.31 42.48
C LYS A 76 -0.15 11.71 41.13
N LEU A 77 1.14 11.44 40.92
CA LEU A 77 1.63 10.86 39.68
C LEU A 77 2.14 9.44 39.92
N VAL A 78 1.61 8.49 39.14
CA VAL A 78 2.06 7.11 39.22
C VAL A 78 2.79 6.74 37.92
N ASP A 79 4.01 6.25 38.07
CA ASP A 79 4.87 5.93 36.93
C ASP A 79 4.70 4.47 36.49
N PHE A 80 3.67 4.24 35.68
CA PHE A 80 3.33 2.88 35.24
C PHE A 80 4.26 2.31 34.16
N ARG A 81 5.44 2.91 33.98
CA ARG A 81 6.39 2.46 32.98
C ARG A 81 6.60 0.94 32.98
N GLU A 82 6.87 0.37 34.14
CA GLU A 82 7.13 -1.06 34.25
C GLU A 82 5.89 -1.93 34.02
N LEU A 83 4.74 -1.52 34.57
CA LEU A 83 3.50 -2.23 34.29
C LEU A 83 3.14 -2.14 32.80
N ASN A 84 3.34 -0.96 32.22
CA ASN A 84 3.06 -0.72 30.80
C ASN A 84 3.91 -1.62 29.89
N LYS A 85 5.16 -1.83 30.29
CA LYS A 85 6.07 -2.72 29.58
C LYS A 85 5.62 -4.19 29.72
N ARG A 86 4.81 -4.47 30.72
CA ARG A 86 4.40 -5.86 31.04
C ARG A 86 2.97 -6.19 30.61
N THR A 87 2.13 -5.16 30.47
CA THR A 87 0.75 -5.32 30.04
C THR A 87 0.67 -5.71 28.56
N GLN A 88 -0.30 -6.55 28.23
CA GLN A 88 -0.52 -7.00 26.85
C GLN A 88 -0.73 -5.83 25.88
N ASP A 89 -0.47 -6.08 24.60
CA ASP A 89 -0.77 -5.10 23.57
C ASP A 89 -2.27 -5.00 23.34
N PHE A 90 -2.72 -3.79 23.02
CA PHE A 90 -4.14 -3.52 22.76
C PHE A 90 -4.35 -3.07 21.33
N TRP A 91 -5.58 -3.23 20.87
CA TRP A 91 -6.00 -2.67 19.58
C TRP A 91 -5.88 -1.16 19.61
N GLU A 92 -5.47 -0.58 18.49
CA GLU A 92 -5.29 0.87 18.40
C GLU A 92 -6.59 1.64 18.64
N VAL A 93 -6.46 2.77 19.33
CA VAL A 93 -7.60 3.60 19.75
C VAL A 93 -8.29 4.30 18.58
N GLN A 94 -7.70 4.16 17.38
CA GLN A 94 -8.24 4.64 16.09
C GLN A 94 -7.29 4.29 14.95
N LEU A 95 -7.81 4.20 13.73
CA LEU A 95 -7.00 3.94 12.54
C LEU A 95 -6.65 5.24 11.81
N GLY A 96 -7.27 6.33 12.24
CA GLY A 96 -7.11 7.65 11.65
C GLY A 96 -8.09 8.63 12.27
N ILE A 97 -7.81 9.93 12.13
CA ILE A 97 -8.71 10.96 12.66
C ILE A 97 -9.52 11.61 11.55
N PRO A 98 -10.79 11.93 11.82
CA PRO A 98 -11.61 12.51 10.76
C PRO A 98 -11.04 13.80 10.22
N HIS A 99 -11.21 14.03 8.92
CA HIS A 99 -10.99 15.35 8.38
C HIS A 99 -12.33 16.08 8.40
N PRO A 100 -12.34 17.33 8.89
CA PRO A 100 -13.54 18.16 8.89
C PRO A 100 -14.27 18.18 7.56
N ALA A 101 -13.52 18.16 6.44
CA ALA A 101 -14.11 18.21 5.10
C ALA A 101 -15.06 17.04 4.76
N GLY A 102 -14.97 15.96 5.53
CA GLY A 102 -15.81 14.78 5.32
C GLY A 102 -17.05 14.75 6.18
N LEU A 103 -17.20 15.77 7.02
CA LEU A 103 -18.36 15.87 7.91
C LEU A 103 -19.57 16.41 7.17
N LYS A 104 -20.74 15.85 7.45
CA LYS A 104 -22.00 16.37 6.95
C LYS A 104 -22.30 17.71 7.61
N LYS A 105 -23.01 18.58 6.89
CA LYS A 105 -23.46 19.86 7.45
C LYS A 105 -24.63 19.62 8.39
N ASN A 106 -24.64 20.33 9.52
CA ASN A 106 -25.73 20.22 10.52
C ASN A 106 -26.17 21.58 11.03
N LYS A 107 -27.45 21.68 11.44
CA LYS A 107 -28.01 22.91 11.98
C LYS A 107 -27.45 23.23 13.38
N SER A 108 -27.31 22.19 14.20
CA SER A 108 -26.78 22.33 15.56
C SER A 108 -25.74 21.26 15.84
N VAL A 109 -24.73 21.63 16.64
CA VAL A 109 -23.69 20.70 17.12
C VAL A 109 -23.25 21.03 18.56
N THR A 110 -23.21 20.01 19.42
CA THR A 110 -22.93 20.20 20.84
C THR A 110 -21.74 19.38 21.33
N VAL A 111 -20.92 19.99 22.19
CA VAL A 111 -19.81 19.30 22.84
C VAL A 111 -20.20 18.87 24.26
N LEU A 112 -19.94 17.61 24.57
CA LEU A 112 -20.06 17.07 25.92
C LEU A 112 -18.78 16.34 26.28
N ASP A 113 -18.02 16.91 27.22
CA ASP A 113 -16.85 16.20 27.75
C ASP A 113 -17.21 15.38 28.99
N VAL A 114 -16.69 14.16 29.04
CA VAL A 114 -16.95 13.23 30.12
C VAL A 114 -16.21 13.62 31.40
N GLY A 115 -16.98 13.75 32.49
CA GLY A 115 -16.44 14.14 33.79
C GLY A 115 -15.58 13.06 34.39
N ASP A 116 -14.31 13.41 34.64
CA ASP A 116 -13.30 12.49 35.18
C ASP A 116 -13.25 11.23 34.33
N ALA A 117 -12.64 11.35 33.15
CA ALA A 117 -12.67 10.32 32.10
C ALA A 117 -12.44 8.88 32.56
N TYR A 118 -11.18 8.57 32.85
CA TYR A 118 -10.73 7.19 33.09
C TYR A 118 -11.27 6.58 34.37
N PHE A 119 -11.46 7.40 35.38
CA PHE A 119 -11.85 6.93 36.70
C PHE A 119 -13.31 6.51 36.80
N SER A 120 -14.07 6.78 35.75
CA SER A 120 -15.48 6.43 35.72
C SER A 120 -15.72 4.99 35.28
N VAL A 121 -14.69 4.33 34.73
CA VAL A 121 -14.85 2.98 34.17
C VAL A 121 -13.98 1.95 34.90
N PRO A 122 -14.58 0.79 35.25
CA PRO A 122 -13.92 -0.21 36.09
C PRO A 122 -12.78 -0.96 35.40
N LEU A 123 -11.91 -1.54 36.22
CA LEU A 123 -10.81 -2.35 35.73
C LEU A 123 -11.03 -3.81 36.11
N ASP A 124 -10.69 -4.72 35.19
CA ASP A 124 -10.77 -6.17 35.40
C ASP A 124 -10.19 -6.60 36.75
N GLU A 125 -10.97 -7.38 37.49
CA GLU A 125 -10.64 -7.84 38.85
C GLU A 125 -9.28 -8.52 38.92
N ASP A 126 -9.03 -9.38 37.94
CA ASP A 126 -7.82 -10.20 37.89
C ASP A 126 -6.57 -9.41 37.50
N PHE A 127 -6.77 -8.15 37.13
CA PHE A 127 -5.64 -7.27 36.79
C PHE A 127 -5.39 -6.23 37.88
N ARG A 128 -6.42 -5.94 38.66
CA ARG A 128 -6.37 -4.91 39.71
C ARG A 128 -5.15 -5.04 40.61
N LYS A 129 -4.80 -6.28 40.94
CA LYS A 129 -3.66 -6.58 41.80
C LYS A 129 -2.31 -6.07 41.28
N TYR A 130 -2.16 -5.99 39.96
CA TYR A 130 -0.92 -5.51 39.36
C TYR A 130 -0.74 -3.99 39.44
N THR A 131 -1.81 -3.27 39.77
CA THR A 131 -1.76 -1.80 39.87
C THR A 131 -1.40 -1.34 41.27
N ALA A 132 -0.79 -2.23 42.04
CA ALA A 132 -0.49 -1.97 43.44
C ALA A 132 0.57 -0.89 43.61
N PHE A 133 0.26 0.13 44.41
CA PHE A 133 1.26 1.13 44.77
C PHE A 133 1.37 1.28 46.29
N THR A 134 2.48 1.84 46.74
CA THR A 134 2.76 1.94 48.18
C THR A 134 3.07 3.38 48.56
N ILE A 135 2.30 3.92 49.50
CA ILE A 135 2.63 5.19 50.12
C ILE A 135 3.50 4.87 51.33
N PRO A 136 4.80 5.23 51.28
CA PRO A 136 5.70 4.83 52.36
C PRO A 136 5.57 5.70 53.61
N SER A 137 6.11 5.22 54.72
CA SER A 137 6.20 6.01 55.96
C SER A 137 7.41 6.95 55.93
N ILE A 138 7.49 7.81 56.95
CA ILE A 138 8.42 8.96 56.96
C ILE A 138 9.88 8.68 56.54
N ASN A 139 10.40 7.50 56.88
CA ASN A 139 11.70 7.03 56.36
C ASN A 139 11.67 5.56 55.95
N ASN A 140 12.53 4.77 56.58
CA ASN A 140 12.50 3.30 56.53
C ASN A 140 11.24 2.84 57.26
N GLU A 141 11.22 3.09 58.57
CA GLU A 141 10.02 3.04 59.41
C GLU A 141 8.98 1.95 59.13
N THR A 142 7.71 2.34 59.26
CA THR A 142 6.54 1.48 59.12
C THR A 142 6.45 0.89 57.71
N PRO A 143 5.84 -0.31 57.58
CA PRO A 143 5.31 -0.71 56.28
C PRO A 143 4.34 0.35 55.76
N GLY A 144 4.39 0.60 54.45
CA GLY A 144 3.57 1.64 53.84
C GLY A 144 2.11 1.25 53.68
N ILE A 145 1.28 2.22 53.32
CA ILE A 145 -0.11 1.97 52.97
C ILE A 145 -0.18 1.55 51.51
N ARG A 146 -0.85 0.44 51.25
CA ARG A 146 -0.86 -0.15 49.91
C ARG A 146 -2.27 -0.19 49.32
N TYR A 147 -2.38 0.30 48.09
CA TYR A 147 -3.64 0.35 47.36
C TYR A 147 -3.54 -0.35 46.01
N GLN A 148 -4.71 -0.59 45.42
CA GLN A 148 -4.81 -1.05 44.05
C GLN A 148 -5.97 -0.32 43.42
N TYR A 149 -5.97 -0.25 42.09
CA TYR A 149 -7.04 0.45 41.36
C TYR A 149 -8.22 -0.48 41.09
N ASN A 150 -9.43 0.06 41.14
CA ASN A 150 -10.62 -0.66 40.69
C ASN A 150 -11.14 -0.02 39.42
N VAL A 151 -10.53 1.10 39.05
CA VAL A 151 -10.88 1.84 37.83
C VAL A 151 -9.66 1.92 36.90
N LEU A 152 -9.88 2.41 35.68
CA LEU A 152 -8.79 2.62 34.74
C LEU A 152 -7.84 3.73 35.22
N PRO A 153 -6.55 3.41 35.39
CA PRO A 153 -5.58 4.38 35.90
C PRO A 153 -5.00 5.33 34.83
N GLN A 154 -4.72 6.56 35.23
CA GLN A 154 -4.05 7.53 34.35
C GLN A 154 -2.68 7.02 33.96
N GLY A 155 -2.36 7.14 32.68
CA GLY A 155 -1.04 6.76 32.16
C GLY A 155 -0.79 5.27 31.97
N TRP A 156 -1.82 4.45 32.16
CA TRP A 156 -1.71 3.01 31.95
C TRP A 156 -2.03 2.67 30.50
N LYS A 157 -1.25 1.74 29.96
CA LYS A 157 -1.31 1.31 28.56
C LYS A 157 -2.73 1.08 28.01
N GLY A 158 -3.57 0.39 28.78
CA GLY A 158 -4.88 -0.04 28.31
C GLY A 158 -6.04 0.89 28.57
N SER A 159 -5.82 1.95 29.33
CA SER A 159 -6.90 2.85 29.71
C SER A 159 -7.55 3.54 28.50
N PRO A 160 -6.72 4.12 27.59
CA PRO A 160 -7.24 4.69 26.34
C PRO A 160 -8.22 3.77 25.60
N ALA A 161 -7.78 2.55 25.29
CA ALA A 161 -8.57 1.64 24.46
C ALA A 161 -9.87 1.16 25.14
N ILE A 162 -9.77 0.84 26.43
CA ILE A 162 -10.88 0.28 27.19
C ILE A 162 -11.97 1.32 27.46
N PHE A 163 -11.56 2.53 27.86
CA PHE A 163 -12.50 3.63 28.02
C PHE A 163 -13.28 3.87 26.72
N GLN A 164 -12.55 3.96 25.61
CA GLN A 164 -13.16 4.16 24.30
C GLN A 164 -14.07 2.99 23.96
N SER A 165 -13.63 1.78 24.32
CA SER A 165 -14.39 0.55 24.08
C SER A 165 -15.71 0.56 24.85
N SER A 166 -15.65 1.03 26.10
CA SER A 166 -16.81 1.14 26.96
C SER A 166 -17.80 2.17 26.43
N MET A 167 -17.29 3.34 26.07
CA MET A 167 -18.09 4.44 25.52
C MET A 167 -18.87 4.03 24.26
N THR A 168 -18.20 3.30 23.37
CA THR A 168 -18.83 2.78 22.15
C THR A 168 -20.02 1.91 22.52
N LYS A 169 -19.80 1.02 23.50
CA LYS A 169 -20.82 0.08 23.95
C LYS A 169 -21.98 0.77 24.65
N ILE A 170 -21.69 1.83 25.40
CA ILE A 170 -22.72 2.63 26.06
C ILE A 170 -23.59 3.34 25.03
N LEU A 171 -22.97 3.98 24.05
CA LEU A 171 -23.69 4.75 23.02
C LEU A 171 -24.49 3.86 22.08
N GLU A 172 -23.98 2.66 21.85
CA GLU A 172 -24.58 1.73 20.88
C GLU A 172 -26.12 1.71 20.87
N PRO A 173 -26.77 1.44 22.03
CA PRO A 173 -28.23 1.45 22.04
C PRO A 173 -28.84 2.80 21.62
N PHE A 174 -28.31 3.90 22.18
CA PHE A 174 -28.80 5.25 21.88
C PHE A 174 -28.65 5.60 20.40
N ARG A 175 -27.51 5.21 19.83
CA ARG A 175 -27.25 5.41 18.40
C ARG A 175 -28.32 4.71 17.58
N LYS A 176 -28.52 3.42 17.83
CA LYS A 176 -29.47 2.59 17.09
C LYS A 176 -30.95 2.99 17.27
N GLN A 177 -31.25 3.74 18.31
CA GLN A 177 -32.60 4.29 18.50
C GLN A 177 -32.63 5.81 18.30
N ASN A 178 -31.55 6.32 17.71
CA ASN A 178 -31.49 7.69 17.22
C ASN A 178 -30.61 7.72 15.97
N PRO A 179 -31.14 7.16 14.84
CA PRO A 179 -30.31 6.94 13.65
C PRO A 179 -29.88 8.24 12.95
N ASP A 180 -30.73 9.26 13.01
CA ASP A 180 -30.41 10.56 12.41
C ASP A 180 -29.70 11.52 13.37
N ILE A 181 -28.97 10.94 14.32
CA ILE A 181 -28.19 11.69 15.29
C ILE A 181 -26.73 11.28 15.15
N VAL A 182 -25.87 12.26 14.89
CA VAL A 182 -24.46 11.95 14.67
C VAL A 182 -23.57 12.35 15.84
N ILE A 183 -22.90 11.34 16.40
CA ILE A 183 -22.06 11.49 17.58
C ILE A 183 -20.66 11.03 17.22
N TYR A 184 -19.65 11.78 17.66
CA TYR A 184 -18.26 11.36 17.47
C TYR A 184 -17.49 11.31 18.79
N GLN A 185 -16.92 10.13 19.09
CA GLN A 185 -16.08 9.93 20.27
C GLN A 185 -14.64 10.40 19.97
N TYR A 186 -14.12 11.24 20.85
CA TYR A 186 -12.72 11.63 20.79
C TYR A 186 -12.20 11.80 22.20
N MET A 187 -11.28 10.93 22.60
CA MET A 187 -10.74 10.91 23.96
C MET A 187 -11.88 11.05 24.96
N ASP A 188 -11.83 12.07 25.81
CA ASP A 188 -12.87 12.28 26.81
C ASP A 188 -13.93 13.30 26.38
N ASP A 189 -14.13 13.41 25.07
CA ASP A 189 -15.11 14.31 24.49
C ASP A 189 -16.15 13.57 23.64
N LEU A 190 -17.28 14.24 23.44
CA LEU A 190 -18.32 13.81 22.50
C LEU A 190 -18.83 15.01 21.73
N TYR A 191 -18.88 14.87 20.42
CA TYR A 191 -19.46 15.88 19.54
C TYR A 191 -20.75 15.33 18.99
N VAL A 192 -21.86 16.00 19.30
CA VAL A 192 -23.17 15.53 18.89
C VAL A 192 -23.88 16.57 18.01
N GLY A 193 -24.34 16.13 16.83
CA GLY A 193 -25.02 17.00 15.88
C GLY A 193 -26.31 16.41 15.34
N SER A 194 -27.20 17.29 14.89
CA SER A 194 -28.47 16.91 14.26
C SER A 194 -29.02 18.05 13.41
N ASP A 195 -30.09 17.77 12.66
CA ASP A 195 -30.75 18.78 11.82
C ASP A 195 -32.06 19.33 12.41
N LEU A 196 -32.44 18.86 13.59
CA LEU A 196 -33.63 19.38 14.30
C LEU A 196 -33.38 20.76 14.94
N GLU A 197 -34.47 21.51 15.13
CA GLU A 197 -34.42 22.91 15.57
C GLU A 197 -33.85 23.15 16.96
N ILE A 198 -33.44 24.39 17.21
CA ILE A 198 -32.83 24.84 18.47
C ILE A 198 -33.73 24.62 19.70
N GLY A 199 -34.84 23.91 19.50
CA GLY A 199 -35.71 23.51 20.60
C GLY A 199 -35.51 22.05 20.95
N GLN A 200 -36.03 21.18 20.08
CA GLN A 200 -35.99 19.73 20.32
C GLN A 200 -34.59 19.11 20.16
N HIS A 201 -33.63 19.89 19.67
CA HIS A 201 -32.22 19.52 19.69
C HIS A 201 -31.70 19.61 21.13
N ARG A 202 -32.00 20.73 21.79
CA ARG A 202 -31.66 20.94 23.20
C ARG A 202 -32.27 19.85 24.08
N THR A 203 -33.51 19.47 23.75
CA THR A 203 -34.18 18.32 24.35
C THR A 203 -33.32 17.06 24.19
N LYS A 204 -32.89 16.79 22.96
CA LYS A 204 -32.26 15.52 22.60
C LYS A 204 -30.89 15.30 23.24
N ILE A 205 -30.19 16.40 23.53
CA ILE A 205 -28.92 16.35 24.28
C ILE A 205 -29.18 15.81 25.68
N GLU A 206 -30.24 16.31 26.32
CA GLU A 206 -30.57 15.97 27.70
C GLU A 206 -31.04 14.53 27.85
N GLU A 207 -31.61 13.98 26.78
CA GLU A 207 -31.95 12.57 26.70
C GLU A 207 -30.66 11.73 26.67
N LEU A 208 -29.65 12.28 25.99
CA LEU A 208 -28.33 11.64 25.89
C LEU A 208 -27.56 11.76 27.21
N ARG A 209 -27.58 12.94 27.81
CA ARG A 209 -26.97 13.15 29.12
C ARG A 209 -27.53 12.21 30.19
N GLN A 210 -28.85 11.98 30.15
CA GLN A 210 -29.49 11.01 31.03
C GLN A 210 -28.98 9.61 30.77
N HIS A 211 -28.90 9.23 29.49
CA HIS A 211 -28.37 7.93 29.10
C HIS A 211 -26.94 7.74 29.58
N LEU A 212 -26.18 8.82 29.61
CA LEU A 212 -24.78 8.78 30.07
C LEU A 212 -24.69 8.68 31.59
N LEU A 213 -25.52 9.45 32.29
CA LEU A 213 -25.57 9.37 33.76
C LEU A 213 -26.12 8.04 34.25
N ARG A 214 -27.05 7.45 33.48
CA ARG A 214 -27.54 6.11 33.78
C ARG A 214 -26.40 5.08 33.71
N TRP A 215 -25.37 5.40 32.93
CA TRP A 215 -24.21 4.52 32.81
C TRP A 215 -22.97 5.11 33.51
N GLY A 216 -23.21 5.95 34.50
CA GLY A 216 -22.15 6.47 35.36
C GLY A 216 -21.16 7.38 34.69
N LEU A 217 -21.67 8.33 33.91
CA LEU A 217 -20.84 9.32 33.21
C LEU A 217 -21.48 10.71 33.30
N THR A 218 -20.76 11.65 33.92
CA THR A 218 -21.26 13.00 34.14
C THR A 218 -20.86 13.93 33.01
N THR A 219 -21.84 14.68 32.51
CA THR A 219 -21.64 15.60 31.37
C THR A 219 -22.28 16.95 31.68
N PRO A 220 -21.64 18.05 31.25
CA PRO A 220 -22.13 19.40 31.58
C PRO A 220 -23.52 19.70 30.99
N ASP A 221 -24.32 20.44 31.76
CA ASP A 221 -25.68 20.77 31.34
C ASP A 221 -25.74 22.04 30.49
N LYS A 222 -26.94 22.31 29.95
CA LYS A 222 -27.27 23.48 29.14
C LYS A 222 -26.42 24.73 29.43
N LYS A 223 -26.25 25.05 30.72
CA LYS A 223 -25.57 26.28 31.13
C LYS A 223 -24.04 26.22 31.07
N HIS A 224 -23.48 25.01 31.13
CA HIS A 224 -22.04 24.86 31.23
C HIS A 224 -21.33 24.27 30.01
N GLN A 225 -22.08 23.92 28.98
CA GLN A 225 -21.47 23.35 27.76
C GLN A 225 -20.93 24.42 26.78
N LYS A 226 -19.84 24.08 26.11
CA LYS A 226 -19.13 24.97 25.19
C LYS A 226 -20.00 25.46 24.02
N GLU A 227 -19.59 26.56 23.41
CA GLU A 227 -20.29 27.17 22.29
C GLU A 227 -19.43 27.19 21.01
N PRO A 228 -20.09 27.03 19.84
CA PRO A 228 -19.44 27.15 18.53
C PRO A 228 -18.77 28.53 18.34
N PRO A 229 -17.59 28.56 17.69
CA PRO A 229 -16.85 27.43 17.10
C PRO A 229 -16.01 26.63 18.11
N PHE A 230 -15.81 25.35 17.83
CA PHE A 230 -15.02 24.48 18.69
C PHE A 230 -13.58 24.35 18.19
N LEU A 231 -12.64 24.58 19.08
CA LEU A 231 -11.23 24.33 18.80
C LEU A 231 -11.01 22.85 18.97
N TRP A 232 -10.47 22.20 17.93
CA TRP A 232 -10.25 20.75 17.97
C TRP A 232 -9.14 20.34 17.04
N MET A 233 -8.07 19.79 17.61
CA MET A 233 -6.95 19.23 16.85
C MET A 233 -6.38 20.21 15.81
N GLY A 234 -6.49 21.50 16.10
CA GLY A 234 -5.97 22.55 15.21
C GLY A 234 -6.99 23.02 14.18
N TYR A 235 -8.26 22.89 14.52
CA TYR A 235 -9.33 23.35 13.65
C TYR A 235 -10.29 24.27 14.41
N GLU A 236 -11.03 25.08 13.65
CA GLU A 236 -12.21 25.76 14.14
C GLU A 236 -13.40 25.11 13.46
N LEU A 237 -14.42 24.78 14.23
CA LEU A 237 -15.53 24.02 13.67
C LEU A 237 -16.89 24.62 13.96
N HIS A 238 -17.37 25.44 13.02
CA HIS A 238 -18.73 25.93 13.07
C HIS A 238 -19.66 24.82 12.55
N PRO A 239 -20.96 24.91 12.86
CA PRO A 239 -21.90 23.88 12.39
C PRO A 239 -22.05 23.78 10.87
N ASP A 240 -21.76 24.87 10.15
CA ASP A 240 -21.89 24.88 8.69
C ASP A 240 -20.59 25.13 7.90
N LYS A 241 -19.54 25.54 8.60
CA LYS A 241 -18.23 25.75 7.99
C LYS A 241 -17.11 25.26 8.91
N TRP A 242 -15.90 25.17 8.38
CA TRP A 242 -14.74 24.79 9.17
C TRP A 242 -13.53 25.51 8.60
N THR A 243 -12.51 25.69 9.43
CA THR A 243 -11.22 26.21 8.97
C THR A 243 -10.13 25.77 9.95
N VAL A 244 -8.87 25.92 9.54
CA VAL A 244 -7.74 25.70 10.44
C VAL A 244 -7.63 26.86 11.43
N GLN A 245 -7.09 26.59 12.61
CA GLN A 245 -6.90 27.62 13.63
C GLN A 245 -5.85 28.65 13.21
N PRO A 246 -6.01 29.91 13.68
CA PRO A 246 -5.24 31.10 13.25
C PRO A 246 -3.76 30.89 12.95
N ILE A 247 -3.38 31.09 11.68
CA ILE A 247 -1.99 31.03 11.26
C ILE A 247 -1.38 32.42 11.24
N VAL A 248 -0.27 32.58 11.96
CA VAL A 248 0.44 33.86 12.04
C VAL A 248 1.93 33.68 11.74
N LEU A 249 2.36 34.15 10.57
CA LEU A 249 3.76 34.08 10.16
C LEU A 249 4.50 35.32 10.66
N PRO A 250 5.36 35.16 11.69
CA PRO A 250 6.04 36.32 12.26
C PRO A 250 7.02 36.94 11.28
N GLU A 251 7.14 38.26 11.29
CA GLU A 251 8.21 38.93 10.54
C GLU A 251 9.46 39.04 11.42
N LYS A 252 10.49 38.33 11.02
CA LYS A 252 11.73 38.30 11.79
C LYS A 252 12.87 38.91 10.99
N ASP A 253 13.77 39.59 11.69
CA ASP A 253 15.01 40.07 11.13
C ASP A 253 15.87 38.89 10.73
N SER A 254 15.96 37.92 11.63
CA SER A 254 16.77 36.73 11.42
C SER A 254 15.90 35.47 11.55
N TRP A 255 16.13 34.52 10.65
CA TRP A 255 15.41 33.25 10.68
C TRP A 255 16.32 32.10 11.05
N THR A 256 16.04 31.48 12.19
CA THR A 256 16.77 30.30 12.63
C THR A 256 16.12 29.06 12.03
N VAL A 257 16.85 27.96 12.01
CA VAL A 257 16.36 26.65 11.53
C VAL A 257 15.01 26.32 12.16
N ASN A 258 14.97 26.49 13.49
CA ASN A 258 13.78 26.29 14.28
C ASN A 258 12.60 27.13 13.80
N ASP A 259 12.84 28.41 13.50
CA ASP A 259 11.80 29.32 12.99
C ASP A 259 11.25 28.85 11.65
N ILE A 260 12.16 28.49 10.74
CA ILE A 260 11.80 27.99 9.42
C ILE A 260 11.03 26.67 9.53
N GLN A 261 11.49 25.79 10.42
CA GLN A 261 10.78 24.54 10.70
C GLN A 261 9.36 24.77 11.19
N LYS A 262 9.20 25.72 12.12
CA LYS A 262 7.89 26.06 12.65
C LYS A 262 7.00 26.72 11.59
N LEU A 263 7.63 27.49 10.70
CA LEU A 263 6.94 28.14 9.58
C LEU A 263 6.41 27.10 8.60
N VAL A 264 7.29 26.23 8.12
CA VAL A 264 6.93 25.13 7.22
C VAL A 264 5.77 24.29 7.77
N GLY A 265 5.83 23.96 9.07
CA GLY A 265 4.76 23.21 9.74
C GLY A 265 3.43 23.94 9.73
N LYS A 266 3.47 25.24 10.00
CA LYS A 266 2.28 26.08 9.96
C LYS A 266 1.72 26.17 8.55
N LEU A 267 2.59 26.37 7.57
CA LEU A 267 2.17 26.48 6.17
C LEU A 267 1.55 25.19 5.67
N ASN A 268 2.26 24.08 5.90
CA ASN A 268 1.75 22.73 5.65
C ASN A 268 0.36 22.53 6.24
N TRP A 269 0.15 23.02 7.46
CA TRP A 269 -1.14 22.91 8.13
C TRP A 269 -2.19 23.78 7.44
N ALA A 270 -1.85 25.04 7.23
CA ALA A 270 -2.72 25.99 6.53
C ALA A 270 -3.17 25.46 5.18
N SER A 271 -2.28 24.75 4.50
CA SER A 271 -2.51 24.32 3.13
C SER A 271 -3.73 23.42 2.93
N GLN A 272 -4.38 23.01 4.03
CA GLN A 272 -5.57 22.16 3.95
C GLN A 272 -6.77 22.87 3.37
N ILE A 273 -6.72 24.21 3.42
CA ILE A 273 -7.87 25.03 3.06
C ILE A 273 -7.46 26.32 2.32
N TYR A 274 -6.21 26.74 2.47
CA TYR A 274 -5.70 27.89 1.73
C TYR A 274 -5.05 27.45 0.41
N PRO A 275 -5.61 27.91 -0.72
CA PRO A 275 -5.12 27.47 -2.02
C PRO A 275 -3.82 28.14 -2.41
N GLY A 276 -2.93 27.38 -3.04
CA GLY A 276 -1.71 27.91 -3.60
C GLY A 276 -0.52 28.04 -2.68
N ILE A 277 -0.65 27.55 -1.45
CA ILE A 277 0.46 27.56 -0.50
C ILE A 277 1.71 26.89 -1.08
N LYS A 278 2.86 27.52 -0.90
CA LYS A 278 4.12 26.97 -1.39
C LYS A 278 5.14 26.87 -0.27
N VAL A 279 6.04 25.90 -0.37
CA VAL A 279 6.96 25.59 0.71
C VAL A 279 8.30 25.02 0.20
N ARG A 280 8.44 24.88 -1.12
CA ARG A 280 9.66 24.31 -1.70
C ARG A 280 10.91 25.11 -1.38
N GLN A 281 10.79 26.44 -1.46
CA GLN A 281 11.95 27.31 -1.26
C GLN A 281 12.34 27.46 0.19
N LEU A 282 11.34 27.48 1.07
CA LEU A 282 11.58 27.44 2.51
C LEU A 282 12.22 26.10 2.92
N CYS A 283 11.68 25.00 2.39
CA CYS A 283 12.21 23.67 2.66
C CYS A 283 13.66 23.50 2.22
N LYS A 284 13.96 23.93 0.99
CA LYS A 284 15.31 23.85 0.44
C LYS A 284 16.40 24.27 1.44
N LEU A 285 16.09 25.27 2.26
CA LEU A 285 17.04 25.82 3.22
C LEU A 285 17.44 24.83 4.31
N LEU A 286 16.51 23.94 4.67
CA LEU A 286 16.70 23.00 5.76
C LEU A 286 17.61 21.82 5.41
N ARG A 287 17.86 21.63 4.11
CA ARG A 287 18.69 20.53 3.60
C ARG A 287 20.11 20.52 4.20
N GLY A 288 20.61 19.31 4.46
CA GLY A 288 21.97 19.07 5.00
C GLY A 288 22.37 20.01 6.13
N THR A 289 21.47 20.15 7.10
CA THR A 289 21.43 21.35 7.93
C THR A 289 22.43 21.47 9.11
N LYS A 290 22.08 22.35 10.04
CA LYS A 290 22.93 22.79 11.12
C LYS A 290 22.07 22.85 12.40
N ALA A 291 22.59 23.50 13.44
CA ALA A 291 21.91 23.59 14.73
C ALA A 291 20.55 24.30 14.64
N LEU A 292 19.66 24.00 15.60
CA LEU A 292 18.35 24.64 15.70
C LEU A 292 18.40 26.16 15.73
N THR A 293 19.48 26.70 16.31
CA THR A 293 19.62 28.12 16.60
C THR A 293 20.42 28.91 15.55
N GLU A 294 20.97 28.20 14.56
CA GLU A 294 21.73 28.87 13.50
C GLU A 294 20.81 29.67 12.58
N VAL A 295 21.21 30.89 12.29
CA VAL A 295 20.46 31.79 11.44
C VAL A 295 20.70 31.43 9.97
N ILE A 296 19.61 31.11 9.27
CA ILE A 296 19.65 30.86 7.84
C ILE A 296 19.24 32.13 7.10
N PRO A 297 20.17 32.72 6.34
CA PRO A 297 19.87 33.88 5.51
C PRO A 297 18.86 33.49 4.43
N LEU A 298 17.82 34.31 4.27
CA LEU A 298 16.75 33.97 3.35
C LEU A 298 17.13 34.17 1.88
N THR A 299 17.00 33.08 1.13
CA THR A 299 17.12 33.06 -0.33
C THR A 299 16.07 33.99 -0.96
N GLU A 300 16.42 34.61 -2.09
CA GLU A 300 15.48 35.46 -2.85
C GLU A 300 14.18 34.75 -3.21
N GLU A 301 14.29 33.50 -3.67
CA GLU A 301 13.14 32.68 -4.01
C GLU A 301 12.32 32.29 -2.77
N ALA A 302 13.01 32.12 -1.64
CA ALA A 302 12.36 31.91 -0.36
C ALA A 302 11.62 33.16 0.09
N GLU A 303 12.24 34.32 -0.10
CA GLU A 303 11.61 35.61 0.19
C GLU A 303 10.37 35.81 -0.68
N LEU A 304 10.45 35.37 -1.93
CA LEU A 304 9.32 35.46 -2.86
C LEU A 304 8.19 34.53 -2.43
N GLU A 305 8.56 33.34 -1.97
CA GLU A 305 7.63 32.34 -1.46
C GLU A 305 6.91 32.81 -0.18
N LEU A 306 7.65 33.41 0.73
CA LEU A 306 7.10 33.93 1.98
C LEU A 306 6.08 35.04 1.70
N ALA A 307 6.42 35.93 0.79
CA ALA A 307 5.55 37.03 0.39
C ALA A 307 4.25 36.50 -0.23
N GLU A 308 4.38 35.51 -1.11
CA GLU A 308 3.23 34.85 -1.71
C GLU A 308 2.32 34.23 -0.66
N ASN A 309 2.91 33.52 0.29
CA ASN A 309 2.18 32.87 1.37
C ASN A 309 1.49 33.89 2.27
N ARG A 310 2.22 34.95 2.62
CA ARG A 310 1.63 36.07 3.38
C ARG A 310 0.40 36.62 2.66
N GLU A 311 0.55 36.82 1.36
CA GLU A 311 -0.53 37.31 0.49
C GLU A 311 -1.76 36.41 0.50
N ILE A 312 -1.54 35.10 0.39
CA ILE A 312 -2.61 34.12 0.39
C ILE A 312 -3.34 34.11 1.75
N LEU A 313 -2.56 34.24 2.82
CA LEU A 313 -3.10 34.25 4.18
C LEU A 313 -3.56 35.64 4.60
N LYS A 314 -3.67 36.54 3.61
CA LYS A 314 -4.12 37.92 3.83
C LYS A 314 -5.41 37.99 4.65
N GLU A 315 -6.49 37.50 4.04
CA GLU A 315 -7.81 37.45 4.67
C GLU A 315 -8.26 35.99 4.89
N PRO A 316 -9.05 35.73 5.95
CA PRO A 316 -9.47 34.37 6.28
C PRO A 316 -10.26 33.65 5.18
N VAL A 317 -10.01 32.35 5.04
CA VAL A 317 -10.72 31.47 4.11
C VAL A 317 -11.21 30.24 4.87
N HIS A 318 -12.43 29.81 4.59
CA HIS A 318 -12.99 28.63 5.26
C HIS A 318 -13.34 27.52 4.28
N GLY A 319 -13.66 26.35 4.82
CA GLY A 319 -14.08 25.21 4.04
C GLY A 319 -15.51 24.85 4.34
N VAL A 320 -16.19 24.25 3.37
CA VAL A 320 -17.58 23.82 3.55
C VAL A 320 -17.63 22.34 3.89
N TYR A 321 -18.78 21.89 4.35
CA TYR A 321 -18.95 20.50 4.73
C TYR A 321 -19.48 19.66 3.57
N TYR A 322 -19.50 18.35 3.77
CA TYR A 322 -19.75 17.43 2.68
C TYR A 322 -21.23 17.19 2.47
N ASP A 323 -21.61 17.08 1.20
CA ASP A 323 -22.97 16.75 0.80
C ASP A 323 -22.93 15.42 0.08
N PRO A 324 -23.51 14.37 0.69
CA PRO A 324 -23.47 13.02 0.13
C PRO A 324 -24.22 12.85 -1.19
N SER A 325 -25.10 13.78 -1.54
CA SER A 325 -25.90 13.66 -2.77
C SER A 325 -25.20 14.23 -4.02
N LYS A 326 -24.09 14.91 -3.81
CA LYS A 326 -23.34 15.50 -4.92
C LYS A 326 -22.04 14.73 -5.16
N ASP A 327 -21.55 14.79 -6.39
CA ASP A 327 -20.22 14.26 -6.71
C ASP A 327 -19.12 15.19 -6.20
N LEU A 328 -17.90 14.69 -6.15
CA LEU A 328 -16.74 15.50 -5.77
C LEU A 328 -15.93 15.88 -7.00
N ILE A 329 -15.45 17.11 -7.03
CA ILE A 329 -14.62 17.56 -8.14
C ILE A 329 -13.24 17.91 -7.60
N ALA A 330 -12.22 17.28 -8.16
CA ALA A 330 -10.86 17.62 -7.81
C ALA A 330 -10.17 18.30 -8.99
N GLU A 331 -9.61 19.47 -8.71
CA GLU A 331 -8.87 20.24 -9.70
C GLU A 331 -7.42 20.34 -9.27
N ILE A 332 -6.50 20.15 -10.21
CA ILE A 332 -5.08 20.14 -9.92
C ILE A 332 -4.36 21.15 -10.82
N GLN A 333 -3.38 21.85 -10.27
CA GLN A 333 -2.59 22.81 -11.02
C GLN A 333 -1.11 22.66 -10.74
N LYS A 334 -0.30 22.75 -11.79
CA LYS A 334 1.15 22.84 -11.69
C LYS A 334 1.45 24.25 -11.20
N GLN A 335 2.15 24.33 -10.06
CA GLN A 335 2.43 25.60 -9.42
C GLN A 335 3.82 26.10 -9.76
N GLY A 336 4.63 25.22 -10.33
CA GLY A 336 6.01 25.51 -10.63
C GLY A 336 6.78 24.22 -10.82
N GLN A 337 8.00 24.18 -10.31
CA GLN A 337 8.86 23.02 -10.48
C GLN A 337 8.74 22.02 -9.34
N GLY A 338 8.21 20.84 -9.67
CA GLY A 338 7.99 19.77 -8.70
C GLY A 338 6.75 19.98 -7.85
N GLN A 339 6.20 21.20 -7.88
CA GLN A 339 5.07 21.61 -7.03
C GLN A 339 3.73 21.45 -7.73
N TRP A 340 2.78 20.85 -7.03
CA TRP A 340 1.42 20.64 -7.54
C TRP A 340 0.41 21.00 -6.47
N THR A 341 -0.61 21.76 -6.86
CA THR A 341 -1.61 22.25 -5.92
C THR A 341 -2.98 21.76 -6.36
N TYR A 342 -3.88 21.55 -5.40
CA TYR A 342 -5.20 21.02 -5.73
C TYR A 342 -6.33 21.54 -4.84
N GLN A 343 -7.54 21.49 -5.39
CA GLN A 343 -8.74 21.90 -4.68
C GLN A 343 -9.81 20.83 -4.86
N ILE A 344 -10.62 20.63 -3.83
CA ILE A 344 -11.76 19.73 -3.95
C ILE A 344 -13.02 20.46 -3.54
N TYR A 345 -14.02 20.43 -4.43
CA TYR A 345 -15.31 21.04 -4.18
C TYR A 345 -16.42 20.18 -4.75
N GLN A 346 -17.66 20.57 -4.48
CA GLN A 346 -18.83 19.91 -5.05
C GLN A 346 -19.61 20.89 -5.91
N GLU A 347 -19.66 22.13 -5.43
CA GLU A 347 -20.28 23.23 -6.14
C GLU A 347 -19.21 24.27 -6.49
N PRO A 348 -19.05 24.57 -7.80
CA PRO A 348 -18.01 25.43 -8.36
C PRO A 348 -17.40 26.48 -7.42
N PHE A 349 -16.23 26.10 -6.91
CA PHE A 349 -15.27 26.96 -6.21
C PHE A 349 -15.56 27.21 -4.74
N LYS A 350 -16.58 26.54 -4.21
CA LYS A 350 -16.80 26.47 -2.76
C LYS A 350 -16.14 25.20 -2.21
N ASN A 351 -14.87 25.36 -1.81
CA ASN A 351 -13.98 24.24 -1.47
C ASN A 351 -14.40 23.45 -0.25
N LEU A 352 -14.40 22.13 -0.38
CA LEU A 352 -14.42 21.25 0.78
C LEU A 352 -13.04 21.27 1.43
N LYS A 353 -11.99 21.17 0.61
CA LYS A 353 -10.61 21.32 1.07
C LYS A 353 -9.62 21.52 -0.07
N THR A 354 -8.46 22.07 0.25
CA THR A 354 -7.39 22.23 -0.71
C THR A 354 -6.22 21.35 -0.29
N GLY A 355 -5.10 21.45 -1.00
CA GLY A 355 -3.91 20.69 -0.67
C GLY A 355 -2.82 20.84 -1.71
N LYS A 356 -1.63 20.36 -1.37
CA LYS A 356 -0.49 20.39 -2.28
C LYS A 356 0.25 19.05 -2.35
N TYR A 357 0.83 18.76 -3.50
CA TYR A 357 1.68 17.60 -3.72
C TYR A 357 2.99 18.08 -4.31
N ALA A 358 4.09 17.48 -3.89
CA ALA A 358 5.40 17.91 -4.36
C ALA A 358 6.46 16.82 -4.28
N ARG A 359 6.03 15.57 -4.11
CA ARG A 359 6.96 14.44 -3.95
C ARG A 359 7.88 14.26 -5.16
N MET A 360 8.96 13.50 -4.95
CA MET A 360 9.89 13.11 -6.00
C MET A 360 10.01 11.58 -5.99
N ARG A 361 9.09 10.93 -6.71
CA ARG A 361 9.11 9.47 -6.87
C ARG A 361 10.20 9.03 -7.84
N GLY A 362 11.36 8.66 -7.29
CA GLY A 362 12.49 8.21 -8.10
C GLY A 362 13.34 9.37 -8.60
N ALA A 363 14.51 9.02 -9.15
CA ALA A 363 15.49 9.99 -9.61
C ALA A 363 14.93 10.89 -10.71
N HIS A 364 14.39 10.27 -11.76
CA HIS A 364 14.01 10.98 -12.97
C HIS A 364 12.53 10.86 -13.21
N THR A 365 11.90 11.98 -13.58
CA THR A 365 10.46 12.00 -13.79
C THR A 365 10.06 13.07 -14.80
N ASN A 366 8.80 13.03 -15.23
CA ASN A 366 8.21 14.09 -16.03
C ASN A 366 6.89 14.56 -15.42
N ASP A 367 6.30 15.60 -16.02
CA ASP A 367 5.06 16.17 -15.54
C ASP A 367 3.86 15.24 -15.67
N VAL A 368 3.90 14.34 -16.66
CA VAL A 368 2.81 13.39 -16.83
C VAL A 368 2.84 12.30 -15.75
N LYS A 369 4.04 11.87 -15.37
CA LYS A 369 4.23 10.95 -14.25
C LYS A 369 3.87 11.62 -12.92
N GLN A 370 4.36 12.84 -12.72
CA GLN A 370 4.05 13.61 -11.51
C GLN A 370 2.56 13.88 -11.36
N LEU A 371 1.92 14.28 -12.45
CA LEU A 371 0.50 14.62 -12.44
C LEU A 371 -0.33 13.41 -12.06
N THR A 372 0.01 12.24 -12.61
CA THR A 372 -0.73 11.02 -12.35
C THR A 372 -0.47 10.45 -10.94
N GLU A 373 0.68 10.80 -10.36
CA GLU A 373 1.00 10.42 -8.99
C GLU A 373 0.22 11.27 -7.99
N ALA A 374 0.11 12.57 -8.29
CA ALA A 374 -0.73 13.48 -7.54
C ALA A 374 -2.20 13.06 -7.63
N VAL A 375 -2.60 12.50 -8.77
CA VAL A 375 -3.95 11.97 -8.91
C VAL A 375 -4.20 10.80 -7.95
N GLN A 376 -3.22 9.90 -7.82
CA GLN A 376 -3.38 8.74 -6.94
C GLN A 376 -3.41 9.14 -5.48
N LYS A 377 -2.55 10.08 -5.11
CA LYS A 377 -2.56 10.63 -3.75
C LYS A 377 -3.94 11.17 -3.40
N ILE A 378 -4.50 12.01 -4.26
CA ILE A 378 -5.83 12.58 -4.03
C ILE A 378 -6.92 11.50 -4.04
N THR A 379 -6.77 10.52 -4.92
CA THR A 379 -7.70 9.40 -4.98
C THR A 379 -7.82 8.67 -3.63
N THR A 380 -6.68 8.21 -3.08
CA THR A 380 -6.64 7.58 -1.76
C THR A 380 -7.34 8.47 -0.72
N GLU A 381 -6.83 9.69 -0.57
CA GLU A 381 -7.40 10.68 0.33
C GLU A 381 -8.93 10.74 0.26
N SER A 382 -9.47 10.79 -0.95
CA SER A 382 -10.92 10.89 -1.15
C SER A 382 -11.66 9.68 -0.60
N ILE A 383 -11.09 8.49 -0.81
CA ILE A 383 -11.66 7.25 -0.30
C ILE A 383 -11.74 7.34 1.24
N VAL A 384 -10.62 7.72 1.86
CA VAL A 384 -10.56 7.89 3.31
C VAL A 384 -11.64 8.86 3.79
N ILE A 385 -11.67 10.05 3.21
CA ILE A 385 -12.52 11.13 3.71
C ILE A 385 -13.99 11.00 3.29
N TRP A 386 -14.24 10.49 2.09
CA TRP A 386 -15.61 10.51 1.57
C TRP A 386 -16.16 9.16 1.12
N GLY A 387 -15.30 8.14 1.09
CA GLY A 387 -15.72 6.81 0.66
C GLY A 387 -16.02 6.70 -0.83
N LYS A 388 -15.53 7.67 -1.61
CA LYS A 388 -15.61 7.63 -3.08
C LYS A 388 -14.55 8.51 -3.75
N THR A 389 -14.26 8.20 -5.02
CA THR A 389 -13.31 8.96 -5.83
C THR A 389 -13.98 10.17 -6.47
N PRO A 390 -13.25 11.30 -6.57
CA PRO A 390 -13.84 12.49 -7.18
C PRO A 390 -13.71 12.48 -8.71
N LYS A 391 -14.48 13.31 -9.40
CA LYS A 391 -14.24 13.56 -10.82
C LYS A 391 -13.03 14.48 -10.91
N PHE A 392 -12.08 14.14 -11.78
CA PHE A 392 -10.88 14.94 -11.89
C PHE A 392 -10.91 15.94 -13.05
N LYS A 393 -10.30 17.10 -12.82
CA LYS A 393 -10.15 18.10 -13.85
C LYS A 393 -8.67 18.42 -13.90
N LEU A 394 -8.07 18.10 -15.03
CA LEU A 394 -6.61 18.06 -15.13
C LEU A 394 -6.08 18.98 -16.23
N PRO A 395 -4.93 19.62 -15.96
CA PRO A 395 -4.25 20.48 -16.91
C PRO A 395 -3.47 19.70 -17.98
N ILE A 396 -4.14 18.74 -18.61
CA ILE A 396 -3.50 17.87 -19.60
C ILE A 396 -4.53 17.43 -20.66
N GLN A 397 -4.09 17.38 -21.92
CA GLN A 397 -4.95 16.94 -23.03
C GLN A 397 -5.16 15.43 -22.97
N LYS A 398 -6.38 14.99 -23.26
CA LYS A 398 -6.69 13.56 -23.30
C LYS A 398 -5.70 12.81 -24.19
N GLU A 399 -5.36 13.41 -25.31
CA GLU A 399 -4.42 12.85 -26.28
C GLU A 399 -2.97 12.82 -25.74
N THR A 400 -2.57 13.88 -25.04
CA THR A 400 -1.27 13.91 -24.39
C THR A 400 -1.20 12.76 -23.38
N TRP A 401 -2.25 12.62 -22.57
CA TRP A 401 -2.36 11.52 -21.62
C TRP A 401 -2.45 10.16 -22.32
N GLU A 402 -3.39 10.03 -23.24
CA GLU A 402 -3.59 8.82 -24.05
C GLU A 402 -2.26 8.28 -24.60
N THR A 403 -1.52 9.17 -25.26
CA THR A 403 -0.23 8.83 -25.86
C THR A 403 0.73 8.25 -24.81
N TRP A 404 0.93 9.00 -23.73
CA TRP A 404 1.85 8.59 -22.69
C TRP A 404 1.54 7.19 -22.15
N TRP A 405 0.28 6.97 -21.74
CA TRP A 405 -0.11 5.70 -21.12
C TRP A 405 0.23 4.50 -21.99
N THR A 406 -0.25 4.49 -23.22
CA THR A 406 -0.18 3.31 -24.08
C THR A 406 1.28 2.87 -24.29
N GLU A 407 2.11 3.83 -24.65
CA GLU A 407 3.52 3.59 -24.94
C GLU A 407 4.36 3.24 -23.71
N TYR A 408 3.94 3.72 -22.54
CA TYR A 408 4.69 3.53 -21.30
C TYR A 408 4.62 2.09 -20.78
N TRP A 409 5.70 1.62 -20.16
CA TRP A 409 5.81 0.23 -19.70
C TRP A 409 5.03 -0.06 -18.42
N GLN A 410 4.80 0.95 -17.59
CA GLN A 410 4.00 0.78 -16.37
C GLN A 410 2.49 0.84 -16.64
N ALA A 411 1.74 0.10 -15.83
CA ALA A 411 0.29 0.11 -15.88
C ALA A 411 -0.22 1.31 -15.09
N THR A 412 -1.22 2.00 -15.66
CA THR A 412 -1.80 3.17 -15.02
C THR A 412 -3.32 3.21 -15.18
N TRP A 413 -3.98 3.95 -14.29
CA TRP A 413 -5.42 4.16 -14.36
C TRP A 413 -5.84 5.41 -13.61
N ILE A 414 -6.09 6.49 -14.34
CA ILE A 414 -6.74 7.65 -13.78
C ILE A 414 -8.24 7.43 -13.93
N PRO A 415 -8.99 7.56 -12.81
CA PRO A 415 -10.47 7.57 -12.87
C PRO A 415 -11.01 8.72 -13.71
N GLU A 416 -12.33 8.77 -13.88
CA GLU A 416 -12.99 9.78 -14.71
C GLU A 416 -12.41 11.18 -14.56
N TRP A 417 -11.92 11.73 -15.68
CA TRP A 417 -11.37 13.07 -15.70
C TRP A 417 -11.68 13.84 -16.98
N GLU A 418 -11.42 15.14 -16.94
CA GLU A 418 -11.62 16.03 -18.08
C GLU A 418 -10.53 17.09 -18.15
N PHE A 419 -10.12 17.43 -19.37
CA PHE A 419 -9.13 18.49 -19.57
C PHE A 419 -9.68 19.84 -19.13
N VAL A 420 -8.83 20.64 -18.49
CA VAL A 420 -9.17 22.02 -18.13
C VAL A 420 -8.00 22.94 -18.47
N ASN A 421 -8.28 23.95 -19.28
CA ASN A 421 -7.25 24.85 -19.77
C ASN A 421 -6.81 25.88 -18.72
N THR A 422 -6.00 25.42 -17.76
CA THR A 422 -5.39 26.31 -16.77
C THR A 422 -3.88 26.15 -16.81
N PRO A 423 -3.19 26.96 -17.64
CA PRO A 423 -1.73 26.94 -17.76
C PRO A 423 -1.00 27.07 -16.42
N PRO A 424 0.23 26.52 -16.31
CA PRO A 424 0.93 25.73 -17.33
C PRO A 424 0.19 24.44 -17.64
N LEU A 425 0.09 24.10 -18.92
CA LEU A 425 -0.46 22.82 -19.35
C LEU A 425 0.63 21.76 -19.31
N VAL A 426 0.25 20.53 -19.02
CA VAL A 426 1.19 19.42 -18.94
C VAL A 426 1.43 18.87 -20.35
N LYS A 427 2.70 18.82 -20.75
CA LYS A 427 3.07 18.20 -22.03
C LYS A 427 4.40 17.48 -21.98
N LEU A 428 4.60 16.57 -22.94
CA LEU A 428 5.90 15.93 -23.14
C LEU A 428 6.79 16.85 -23.96
N TRP A 429 8.07 16.88 -23.61
CA TRP A 429 9.00 17.87 -24.15
C TRP A 429 9.83 17.39 -25.34
N TYR A 430 9.85 16.08 -25.53
CA TYR A 430 10.50 15.45 -26.67
C TYR A 430 9.94 14.05 -26.81
N GLN A 431 10.17 13.43 -27.97
CA GLN A 431 9.78 12.05 -28.16
C GLN A 431 10.79 11.30 -29.01
N LEU A 432 11.22 10.13 -28.54
CA LEU A 432 12.15 9.31 -29.30
C LEU A 432 11.42 8.64 -30.46
N GLU A 433 12.13 8.51 -31.58
CA GLU A 433 11.55 7.92 -32.79
C GLU A 433 11.29 6.44 -32.62
N LYS A 434 10.38 5.90 -33.43
CA LYS A 434 10.12 4.46 -33.46
C LYS A 434 10.97 3.82 -34.55
N GLU A 435 11.36 4.64 -35.51
CA GLU A 435 12.12 4.20 -36.69
C GLU A 435 13.41 5.00 -36.85
N PRO A 436 14.55 4.29 -37.10
CA PRO A 436 15.84 4.93 -37.32
C PRO A 436 15.82 5.91 -38.49
N ILE A 437 16.45 7.06 -38.32
CA ILE A 437 16.35 8.14 -39.30
C ILE A 437 17.32 7.97 -40.48
N VAL A 438 16.74 7.78 -41.66
CA VAL A 438 17.51 7.63 -42.89
C VAL A 438 18.21 8.95 -43.25
N GLY A 439 19.52 8.87 -43.49
CA GLY A 439 20.31 10.06 -43.81
C GLY A 439 20.63 10.92 -42.60
N ALA A 440 20.83 10.25 -41.46
CA ALA A 440 21.24 10.90 -40.22
C ALA A 440 22.42 10.14 -39.61
N GLU A 441 23.31 10.86 -38.94
CA GLU A 441 24.58 10.30 -38.49
C GLU A 441 24.43 9.33 -37.32
N THR A 442 24.73 8.06 -37.59
CA THR A 442 24.62 7.00 -36.59
C THR A 442 25.82 6.98 -35.63
N PHE A 443 25.60 7.54 -34.44
CA PHE A 443 26.60 7.53 -33.37
C PHE A 443 26.57 6.22 -32.60
N TYR A 444 27.73 5.61 -32.44
CA TYR A 444 27.88 4.50 -31.53
C TYR A 444 28.59 5.02 -30.30
N VAL A 445 27.90 4.97 -29.16
CA VAL A 445 28.45 5.48 -27.92
C VAL A 445 28.78 4.34 -26.98
N ASP A 446 29.75 4.59 -26.10
CA ASP A 446 30.08 3.67 -25.03
C ASP A 446 30.87 4.39 -23.96
N GLY A 447 30.87 3.83 -22.76
CA GLY A 447 31.64 4.36 -21.64
C GLY A 447 32.51 3.26 -21.06
N ALA A 448 33.45 3.66 -20.22
CA ALA A 448 34.33 2.76 -19.51
C ALA A 448 34.75 3.43 -18.22
N ALA A 449 34.89 2.64 -17.15
CA ALA A 449 35.33 3.17 -15.86
C ALA A 449 36.21 2.16 -15.12
N ASN A 450 37.36 2.62 -14.65
CA ASN A 450 38.26 1.83 -13.84
C ASN A 450 37.83 1.98 -12.38
N ARG A 451 37.51 0.86 -11.74
CA ARG A 451 36.79 0.85 -10.46
C ARG A 451 37.58 1.39 -9.26
N GLU A 452 38.89 1.15 -9.24
CA GLU A 452 39.75 1.61 -8.16
C GLU A 452 40.20 3.06 -8.33
N THR A 453 40.65 3.40 -9.54
CA THR A 453 41.09 4.76 -9.85
C THR A 453 39.93 5.76 -9.89
N LYS A 454 38.76 5.26 -10.29
CA LYS A 454 37.56 6.08 -10.56
C LYS A 454 37.65 6.91 -11.84
N LEU A 455 38.67 6.64 -12.65
CA LEU A 455 38.83 7.32 -13.95
C LEU A 455 37.97 6.68 -15.02
N GLY A 456 37.55 7.49 -16.00
CA GLY A 456 36.71 7.00 -17.08
C GLY A 456 36.87 7.70 -18.40
N LYS A 457 36.43 7.02 -19.46
CA LYS A 457 36.44 7.55 -20.82
C LYS A 457 35.02 7.49 -21.38
N ALA A 458 34.60 8.58 -22.03
CA ALA A 458 33.34 8.62 -22.75
C ALA A 458 33.61 9.00 -24.18
N GLY A 459 32.91 8.37 -25.12
CA GLY A 459 33.18 8.61 -26.54
C GLY A 459 32.20 8.09 -27.55
N TYR A 460 32.45 8.42 -28.82
CA TYR A 460 31.63 7.95 -29.94
C TYR A 460 32.43 7.75 -31.22
N VAL A 461 32.02 6.76 -32.00
CA VAL A 461 32.44 6.61 -33.40
C VAL A 461 31.17 6.65 -34.23
N THR A 462 31.25 7.22 -35.42
CA THR A 462 30.06 7.34 -36.26
C THR A 462 30.18 6.59 -37.59
N ASN A 463 29.09 6.53 -38.33
CA ASN A 463 29.07 5.96 -39.67
C ASN A 463 29.77 6.87 -40.67
N ARG A 464 30.02 8.11 -40.24
CA ARG A 464 30.62 9.15 -41.07
C ARG A 464 32.07 9.48 -40.66
N GLY A 465 32.73 8.51 -40.04
CA GLY A 465 34.16 8.61 -39.73
C GLY A 465 34.57 9.35 -38.47
N ARG A 466 33.65 10.18 -37.95
CA ARG A 466 33.92 11.00 -36.77
C ARG A 466 34.24 10.19 -35.50
N GLN A 467 34.90 10.83 -34.53
CA GLN A 467 35.56 10.12 -33.44
C GLN A 467 36.05 11.07 -32.34
N LYS A 468 35.45 10.95 -31.15
CA LYS A 468 35.82 11.78 -29.99
C LYS A 468 35.93 10.92 -28.73
N VAL A 469 36.83 11.30 -27.82
CA VAL A 469 37.01 10.60 -26.53
C VAL A 469 37.43 11.57 -25.42
N VAL A 470 36.50 11.85 -24.50
CA VAL A 470 36.80 12.70 -23.36
C VAL A 470 37.17 11.87 -22.13
N THR A 471 37.98 12.45 -21.24
CA THR A 471 38.38 11.81 -19.99
C THR A 471 37.64 12.41 -18.79
N LEU A 472 37.23 11.55 -17.86
CA LEU A 472 36.47 11.95 -16.67
C LEU A 472 37.10 11.33 -15.42
N THR A 473 37.06 12.06 -14.29
CA THR A 473 37.99 11.77 -13.17
C THR A 473 37.43 11.02 -11.96
N ASP A 474 36.18 11.27 -11.61
CA ASP A 474 35.60 10.58 -10.46
C ASP A 474 34.23 10.05 -10.88
N THR A 475 34.25 8.86 -11.48
CA THR A 475 33.08 8.40 -12.22
C THR A 475 32.74 6.92 -12.03
N THR A 476 31.55 6.56 -12.49
CA THR A 476 31.06 5.18 -12.52
C THR A 476 30.66 4.87 -13.95
N ASN A 477 30.62 3.58 -14.29
CA ASN A 477 30.18 3.13 -15.61
C ASN A 477 28.91 3.82 -16.06
N GLN A 478 27.93 3.87 -15.17
CA GLN A 478 26.63 4.47 -15.46
C GLN A 478 26.79 5.92 -15.93
N LYS A 479 27.55 6.69 -15.15
CA LYS A 479 27.84 8.09 -15.49
C LYS A 479 28.55 8.21 -16.84
N THR A 480 29.50 7.31 -17.12
CA THR A 480 30.24 7.35 -18.40
C THR A 480 29.33 7.13 -19.62
N GLU A 481 28.36 6.24 -19.49
CA GLU A 481 27.41 5.95 -20.58
C GLU A 481 26.50 7.15 -20.85
N LEU A 482 26.06 7.80 -19.78
CA LEU A 482 25.25 9.02 -19.86
C LEU A 482 26.05 10.18 -20.43
N GLN A 483 27.32 10.25 -20.07
CA GLN A 483 28.26 11.22 -20.64
C GLN A 483 28.45 10.97 -22.13
N ALA A 484 28.66 9.71 -22.50
CA ALA A 484 28.88 9.31 -23.89
C ALA A 484 27.68 9.63 -24.77
N ILE A 485 26.49 9.34 -24.25
CA ILE A 485 25.25 9.66 -24.95
C ILE A 485 25.10 11.17 -25.07
N TYR A 486 25.56 11.88 -24.04
CA TYR A 486 25.51 13.34 -24.02
C TYR A 486 26.42 13.94 -25.09
N LEU A 487 27.64 13.40 -25.20
CA LEU A 487 28.59 13.80 -26.24
C LEU A 487 27.97 13.68 -27.63
N ALA A 488 27.37 12.52 -27.89
CA ALA A 488 26.74 12.24 -29.17
C ALA A 488 25.66 13.27 -29.53
N LEU A 489 25.03 13.83 -28.50
CA LEU A 489 24.00 14.83 -28.72
C LEU A 489 24.61 16.20 -28.94
N GLN A 490 25.78 16.41 -28.33
CA GLN A 490 26.46 17.70 -28.35
C GLN A 490 27.01 18.05 -29.74
N ASP A 491 27.52 17.04 -30.43
CA ASP A 491 28.17 17.22 -31.73
C ASP A 491 27.46 16.41 -32.79
N SER A 492 26.18 16.69 -33.03
CA SER A 492 25.41 15.90 -33.98
C SER A 492 24.40 16.68 -34.81
N GLY A 493 23.87 17.75 -34.22
CA GLY A 493 22.89 18.56 -34.91
C GLY A 493 21.51 17.93 -34.87
N LEU A 494 20.57 18.54 -35.59
CA LEU A 494 19.15 18.35 -35.34
C LEU A 494 18.49 17.02 -35.78
N GLU A 495 19.28 15.96 -35.98
CA GLU A 495 18.72 14.68 -36.45
C GLU A 495 19.74 13.54 -36.33
N VAL A 496 19.57 12.67 -35.32
CA VAL A 496 20.62 11.71 -34.93
C VAL A 496 20.10 10.31 -34.58
N ASN A 497 20.86 9.29 -34.97
CA ASN A 497 20.67 7.96 -34.43
C ASN A 497 21.76 7.70 -33.41
N ILE A 498 21.38 7.26 -32.22
CA ILE A 498 22.36 6.90 -31.20
C ILE A 498 22.11 5.47 -30.76
N VAL A 499 23.10 4.61 -30.99
CA VAL A 499 23.02 3.25 -30.51
C VAL A 499 23.93 3.08 -29.29
N THR A 500 23.35 2.60 -28.19
CA THR A 500 24.06 2.42 -26.94
C THR A 500 24.06 0.96 -26.54
N ASP A 501 24.82 0.62 -25.51
CA ASP A 501 24.85 -0.73 -24.98
C ASP A 501 24.49 -0.72 -23.49
N SER A 502 23.97 0.43 -23.05
CA SER A 502 23.55 0.61 -21.67
C SER A 502 22.02 0.61 -21.55
N GLN A 503 21.48 -0.45 -20.95
CA GLN A 503 20.04 -0.53 -20.68
C GLN A 503 19.63 0.55 -19.69
N TYR A 504 20.47 0.76 -18.67
CA TYR A 504 20.26 1.82 -17.69
C TYR A 504 19.99 3.15 -18.39
N ALA A 505 20.91 3.54 -19.27
CA ALA A 505 20.80 4.76 -20.06
C ALA A 505 19.55 4.80 -20.93
N LEU A 506 19.32 3.72 -21.70
CA LEU A 506 18.12 3.61 -22.53
C LEU A 506 16.87 3.81 -21.69
N GLY A 507 16.83 3.12 -20.55
CA GLY A 507 15.67 3.12 -19.66
C GLY A 507 15.26 4.51 -19.24
N ILE A 508 16.25 5.29 -18.81
CA ILE A 508 16.02 6.66 -18.36
C ILE A 508 15.47 7.52 -19.48
N ILE A 509 16.12 7.47 -20.64
CA ILE A 509 15.76 8.32 -21.77
C ILE A 509 14.43 7.92 -22.39
N GLN A 510 14.20 6.62 -22.50
CA GLN A 510 13.00 6.09 -23.15
C GLN A 510 11.70 6.55 -22.48
N ALA A 511 11.79 6.85 -21.18
CA ALA A 511 10.64 7.26 -20.38
C ALA A 511 10.50 8.79 -20.29
N GLN A 512 11.00 9.47 -21.30
CA GLN A 512 10.84 10.93 -21.50
C GLN A 512 10.91 11.80 -20.24
N PRO A 513 12.00 11.71 -19.45
CA PRO A 513 12.09 12.57 -18.28
C PRO A 513 12.26 14.04 -18.66
N ASP A 514 11.72 14.94 -17.84
CA ASP A 514 11.89 16.38 -18.05
C ASP A 514 12.45 17.08 -16.82
N GLN A 515 12.95 16.29 -15.87
CA GLN A 515 13.63 16.78 -14.66
C GLN A 515 14.34 15.64 -13.96
N SER A 516 15.53 15.92 -13.43
CA SER A 516 16.34 14.89 -12.76
C SER A 516 17.09 15.37 -11.52
N GLU A 517 17.41 14.42 -10.65
CA GLU A 517 18.29 14.65 -9.49
C GLU A 517 19.75 14.42 -9.86
N SER A 518 20.01 14.38 -11.17
CA SER A 518 21.36 14.26 -11.72
C SER A 518 21.56 15.34 -12.78
N GLU A 519 22.61 16.15 -12.60
CA GLU A 519 22.87 17.30 -13.48
C GLU A 519 23.13 16.87 -14.92
N LEU A 520 23.87 15.77 -15.05
CA LEU A 520 24.19 15.16 -16.33
C LEU A 520 22.92 14.80 -17.12
N VAL A 521 21.97 14.16 -16.44
CA VAL A 521 20.70 13.78 -17.06
C VAL A 521 19.91 15.00 -17.54
N ASN A 522 19.99 16.09 -16.78
CA ASN A 522 19.35 17.35 -17.16
C ASN A 522 19.98 18.01 -18.39
N GLN A 523 21.30 17.84 -18.53
CA GLN A 523 22.01 18.29 -19.71
C GLN A 523 21.51 17.54 -20.94
N ILE A 524 21.37 16.21 -20.82
CA ILE A 524 20.81 15.38 -21.88
C ILE A 524 19.39 15.82 -22.26
N ILE A 525 18.56 16.13 -21.28
CA ILE A 525 17.19 16.63 -21.53
C ILE A 525 17.25 17.93 -22.33
N GLU A 526 18.09 18.86 -21.85
CA GLU A 526 18.33 20.14 -22.51
C GLU A 526 18.69 19.96 -24.00
N GLN A 527 19.46 18.91 -24.28
CA GLN A 527 19.87 18.59 -25.64
C GLN A 527 18.75 17.94 -26.44
N LEU A 528 18.00 17.04 -25.81
CA LEU A 528 16.92 16.29 -26.48
C LEU A 528 15.78 17.18 -26.96
N ILE A 529 15.53 18.27 -26.24
CA ILE A 529 14.51 19.23 -26.64
C ILE A 529 14.99 20.05 -27.83
N LYS A 530 16.26 20.45 -27.82
CA LYS A 530 16.86 21.20 -28.93
C LYS A 530 16.89 20.43 -30.24
N LYS A 531 16.86 19.11 -30.14
CA LYS A 531 16.83 18.23 -31.31
C LYS A 531 15.48 18.29 -32.04
N GLU A 532 15.39 17.54 -33.13
CA GLU A 532 14.18 17.53 -33.96
C GLU A 532 13.72 16.09 -34.16
N LYS A 533 14.67 15.20 -34.43
CA LYS A 533 14.39 13.77 -34.53
C LYS A 533 15.55 12.96 -33.90
N VAL A 534 15.27 12.27 -32.80
CA VAL A 534 16.26 11.39 -32.17
C VAL A 534 15.78 9.96 -32.13
N TYR A 535 16.63 9.05 -32.59
CA TYR A 535 16.37 7.63 -32.45
C TYR A 535 17.45 7.03 -31.55
N LEU A 536 17.00 6.35 -30.50
CA LEU A 536 17.91 5.67 -29.59
C LEU A 536 17.62 4.18 -29.66
N ALA A 537 18.67 3.37 -29.65
CA ALA A 537 18.54 1.93 -29.73
C ALA A 537 19.62 1.25 -28.90
N TRP A 538 19.35 0.00 -28.54
CA TRP A 538 20.25 -0.76 -27.71
C TRP A 538 20.83 -1.95 -28.47
N VAL A 539 22.11 -2.20 -28.23
CA VAL A 539 22.77 -3.41 -28.71
C VAL A 539 23.47 -4.03 -27.52
N PRO A 540 23.63 -5.37 -27.52
CA PRO A 540 24.36 -5.99 -26.40
C PRO A 540 25.86 -5.68 -26.47
N ALA A 541 26.48 -5.51 -25.30
CA ALA A 541 27.92 -5.25 -25.25
C ALA A 541 28.72 -6.51 -25.58
N HIS A 542 29.76 -6.34 -26.39
CA HIS A 542 30.71 -7.41 -26.74
C HIS A 542 30.09 -8.60 -27.49
N LYS A 543 29.48 -8.30 -28.64
CA LYS A 543 28.96 -9.33 -29.53
C LYS A 543 29.32 -9.02 -30.98
N GLY A 544 30.52 -8.46 -31.19
CA GLY A 544 31.03 -8.12 -32.52
C GLY A 544 30.06 -7.33 -33.38
N ILE A 545 29.60 -6.20 -32.85
CA ILE A 545 28.71 -5.30 -33.57
C ILE A 545 29.53 -4.15 -34.15
N GLY A 546 29.32 -3.89 -35.44
CA GLY A 546 30.05 -2.87 -36.20
C GLY A 546 30.66 -1.74 -35.41
N GLY A 547 29.87 -0.70 -35.16
CA GLY A 547 30.36 0.48 -34.46
C GLY A 547 30.59 0.28 -32.98
N ASN A 548 29.85 -0.66 -32.38
CA ASN A 548 29.92 -0.89 -30.94
C ASN A 548 31.28 -1.41 -30.47
N GLU A 549 31.83 -2.38 -31.18
CA GLU A 549 33.14 -2.94 -30.84
C GLU A 549 34.25 -1.87 -30.97
N GLN A 550 34.03 -0.91 -31.86
CA GLN A 550 34.98 0.18 -32.10
C GLN A 550 35.10 1.13 -30.91
N VAL A 551 33.99 1.78 -30.53
CA VAL A 551 34.01 2.70 -29.37
C VAL A 551 34.41 2.02 -28.08
N ASP A 552 34.02 0.75 -27.93
CA ASP A 552 34.37 -0.01 -26.74
C ASP A 552 35.88 -0.13 -26.61
N LYS A 553 36.54 -0.49 -27.72
CA LYS A 553 37.99 -0.60 -27.76
C LYS A 553 38.62 0.78 -27.59
N LEU A 554 37.89 1.80 -28.05
CA LEU A 554 38.34 3.18 -28.00
C LEU A 554 38.27 3.78 -26.60
N VAL A 555 37.29 3.35 -25.81
CA VAL A 555 37.15 3.82 -24.42
C VAL A 555 37.85 2.90 -23.41
N SER A 556 38.05 1.63 -23.79
CA SER A 556 38.75 0.65 -22.95
C SER A 556 40.27 0.80 -23.01
N ALA A 557 40.75 1.76 -23.79
CA ALA A 557 42.17 2.04 -23.92
C ALA A 557 42.73 2.61 -22.62
N GLY A 558 43.44 1.74 -21.88
CA GLY A 558 44.09 2.11 -20.63
C GLY A 558 43.19 2.17 -19.41
N ILE A 559 41.95 1.71 -19.55
CA ILE A 559 40.96 1.80 -18.48
C ILE A 559 40.60 0.44 -17.89
N ARG A 560 40.46 -0.58 -18.75
CA ARG A 560 40.29 -1.97 -18.29
C ARG A 560 41.35 -2.86 -18.94
N GLU B 9 -15.52 -30.45 14.82
CA GLU B 9 -15.20 -30.37 16.27
C GLU B 9 -13.73 -29.99 16.48
N THR B 10 -13.48 -29.07 17.43
CA THR B 10 -12.22 -28.29 17.46
C THR B 10 -10.94 -29.09 17.65
N VAL B 11 -10.17 -29.20 16.57
CA VAL B 11 -8.81 -29.73 16.59
C VAL B 11 -7.86 -28.58 16.93
N PRO B 12 -7.00 -28.77 17.97
CA PRO B 12 -6.11 -27.71 18.47
C PRO B 12 -5.12 -27.19 17.42
N VAL B 13 -5.08 -25.88 17.25
CA VAL B 13 -4.15 -25.22 16.33
C VAL B 13 -3.35 -24.19 17.10
N LYS B 14 -2.08 -24.02 16.73
CA LYS B 14 -1.26 -22.93 17.26
C LYS B 14 -0.26 -22.36 16.24
N LEU B 15 0.38 -21.26 16.62
CA LEU B 15 1.35 -20.56 15.78
C LEU B 15 2.68 -21.30 15.70
N LYS B 16 3.50 -20.88 14.73
CA LYS B 16 4.88 -21.37 14.62
C LYS B 16 5.71 -20.73 15.75
N PRO B 17 6.56 -21.54 16.43
CA PRO B 17 7.28 -21.05 17.62
C PRO B 17 8.04 -19.76 17.35
N GLY B 18 7.91 -18.80 18.27
CA GLY B 18 8.64 -17.53 18.16
C GLY B 18 7.82 -16.38 17.59
N MET B 19 7.18 -16.61 16.45
CA MET B 19 6.36 -15.58 15.80
C MET B 19 4.97 -15.46 16.43
N ASP B 20 4.43 -14.24 16.40
CA ASP B 20 3.13 -13.91 17.01
C ASP B 20 2.08 -13.61 15.92
N GLY B 21 0.83 -13.43 16.33
CA GLY B 21 -0.27 -13.22 15.40
C GLY B 21 -0.17 -11.93 14.59
N PRO B 22 -0.94 -11.83 13.49
CA PRO B 22 -0.90 -10.69 12.56
C PRO B 22 -1.40 -9.37 13.16
N LYS B 23 -0.71 -8.29 12.83
CA LYS B 23 -1.07 -6.93 13.24
C LYS B 23 -1.14 -6.03 12.01
N VAL B 24 -1.93 -6.43 11.01
CA VAL B 24 -1.96 -5.74 9.72
C VAL B 24 -3.05 -4.67 9.66
N LYS B 25 -2.67 -3.48 9.22
CA LYS B 25 -3.59 -2.35 9.06
C LYS B 25 -4.66 -2.62 7.99
N GLN B 26 -5.86 -2.10 8.22
CA GLN B 26 -6.96 -2.22 7.27
C GLN B 26 -6.90 -1.09 6.24
N TRP B 27 -7.08 -1.46 4.97
CA TRP B 27 -7.12 -0.54 3.86
C TRP B 27 -8.39 0.30 3.84
N PRO B 28 -8.27 1.60 3.50
CA PRO B 28 -9.45 2.41 3.22
C PRO B 28 -10.36 1.75 2.19
N LEU B 29 -11.64 1.68 2.51
CA LEU B 29 -12.65 1.06 1.67
C LEU B 29 -13.65 2.12 1.22
N THR B 30 -14.36 1.85 0.12
CA THR B 30 -15.39 2.76 -0.38
C THR B 30 -16.69 2.58 0.37
N GLU B 31 -17.55 3.59 0.30
CA GLU B 31 -18.86 3.54 0.97
C GLU B 31 -19.59 2.23 0.73
N GLU B 32 -19.70 1.81 -0.53
CA GLU B 32 -20.52 0.65 -0.88
C GLU B 32 -19.96 -0.66 -0.35
N LYS B 33 -18.64 -0.80 -0.35
CA LYS B 33 -18.01 -2.02 0.14
C LYS B 33 -18.19 -2.15 1.66
N ILE B 34 -18.11 -1.04 2.37
CA ILE B 34 -18.31 -1.04 3.82
C ILE B 34 -19.73 -1.45 4.16
N LYS B 35 -20.70 -0.83 3.48
CA LYS B 35 -22.11 -1.17 3.65
C LYS B 35 -22.37 -2.65 3.35
N ALA B 36 -21.80 -3.13 2.25
CA ALA B 36 -21.90 -4.54 1.88
C ALA B 36 -21.37 -5.44 3.01
N LEU B 37 -20.23 -5.03 3.59
CA LEU B 37 -19.58 -5.81 4.64
C LEU B 37 -20.35 -5.81 5.97
N VAL B 38 -20.98 -4.68 6.29
CA VAL B 38 -21.81 -4.56 7.49
C VAL B 38 -23.00 -5.51 7.41
N GLU B 39 -23.59 -5.62 6.23
CA GLU B 39 -24.67 -6.57 5.99
C GLU B 39 -24.17 -8.01 6.11
N ILE B 40 -23.14 -8.34 5.34
CA ILE B 40 -22.52 -9.68 5.39
C ILE B 40 -22.18 -10.09 6.82
N CYS B 41 -21.65 -9.16 7.60
CA CYS B 41 -21.18 -9.46 8.96
C CYS B 41 -22.28 -9.50 10.01
N THR B 42 -23.33 -8.70 9.86
CA THR B 42 -24.47 -8.76 10.78
C THR B 42 -25.10 -10.16 10.71
N GLU B 43 -25.18 -10.71 9.50
CA GLU B 43 -25.71 -12.05 9.26
C GLU B 43 -24.82 -13.13 9.88
N MET B 44 -23.57 -13.20 9.46
CA MET B 44 -22.62 -14.20 9.96
C MET B 44 -22.59 -14.27 11.49
N GLU B 45 -22.88 -13.13 12.12
CA GLU B 45 -22.91 -13.02 13.57
C GLU B 45 -24.16 -13.67 14.16
N LYS B 46 -25.31 -13.43 13.51
CA LYS B 46 -26.57 -14.08 13.91
C LYS B 46 -26.45 -15.60 13.81
N GLU B 47 -25.77 -16.04 12.74
CA GLU B 47 -25.56 -17.47 12.50
C GLU B 47 -24.38 -18.02 13.30
N GLY B 48 -23.73 -17.15 14.07
CA GLY B 48 -22.66 -17.56 14.98
C GLY B 48 -21.28 -17.83 14.40
N LYS B 49 -21.10 -17.54 13.11
CA LYS B 49 -19.81 -17.74 12.43
C LYS B 49 -18.72 -16.85 13.02
N ILE B 50 -19.09 -15.62 13.36
CA ILE B 50 -18.18 -14.60 13.92
C ILE B 50 -18.79 -13.91 15.14
N SER B 51 -17.94 -13.36 16.00
CA SER B 51 -18.41 -12.61 17.17
C SER B 51 -17.65 -11.31 17.40
N LYS B 52 -18.35 -10.28 17.85
CA LYS B 52 -17.74 -8.99 18.19
C LYS B 52 -16.64 -9.18 19.23
N ILE B 53 -15.61 -8.35 19.15
CA ILE B 53 -14.48 -8.48 20.08
C ILE B 53 -14.12 -7.16 20.75
N GLY B 54 -13.34 -7.26 21.82
CA GLY B 54 -12.94 -6.08 22.58
C GLY B 54 -11.53 -5.64 22.23
N PRO B 55 -11.02 -4.62 22.95
CA PRO B 55 -9.69 -4.09 22.70
C PRO B 55 -8.60 -5.02 23.19
N GLU B 56 -8.96 -6.03 23.98
CA GLU B 56 -8.00 -7.00 24.51
C GLU B 56 -7.40 -7.86 23.38
N ASN B 57 -7.96 -7.71 22.18
CA ASN B 57 -7.50 -8.40 20.99
C ASN B 57 -6.72 -7.43 20.10
N PRO B 58 -5.38 -7.44 20.22
CA PRO B 58 -4.54 -6.48 19.50
C PRO B 58 -4.34 -6.83 18.03
N TYR B 59 -4.91 -7.95 17.60
CA TYR B 59 -4.63 -8.51 16.27
C TYR B 59 -5.53 -7.92 15.19
N ASN B 60 -5.09 -8.02 13.94
CA ASN B 60 -5.87 -7.54 12.81
C ASN B 60 -5.45 -8.13 11.47
N THR B 61 -6.44 -8.32 10.61
CA THR B 61 -6.27 -8.87 9.28
C THR B 61 -7.22 -8.12 8.34
N PRO B 62 -6.70 -7.63 7.19
CA PRO B 62 -7.50 -6.80 6.28
C PRO B 62 -8.68 -7.56 5.71
N VAL B 63 -9.74 -6.81 5.40
CA VAL B 63 -10.94 -7.38 4.81
C VAL B 63 -11.40 -6.50 3.64
N PHE B 64 -11.91 -7.15 2.59
CA PHE B 64 -12.36 -6.46 1.38
C PHE B 64 -13.68 -7.07 0.91
N ALA B 65 -14.34 -6.41 -0.03
CA ALA B 65 -15.53 -6.93 -0.69
C ALA B 65 -15.31 -7.04 -2.19
N ILE B 66 -15.75 -8.16 -2.76
CA ILE B 66 -15.53 -8.46 -4.17
C ILE B 66 -16.79 -8.95 -4.86
N LYS B 67 -16.62 -9.44 -6.09
CA LYS B 67 -17.66 -10.08 -6.89
C LYS B 67 -17.05 -11.25 -7.66
N THR B 72 -22.96 -11.06 -9.08
CA THR B 72 -23.86 -9.96 -8.74
C THR B 72 -24.01 -9.70 -7.23
N LYS B 73 -24.00 -10.76 -6.41
CA LYS B 73 -24.04 -10.61 -4.96
C LYS B 73 -22.65 -10.25 -4.40
N TRP B 74 -22.57 -9.16 -3.65
CA TRP B 74 -21.35 -8.80 -2.93
C TRP B 74 -20.92 -9.98 -2.07
N ARG B 75 -19.61 -10.14 -1.87
CA ARG B 75 -19.12 -11.19 -0.98
C ARG B 75 -17.80 -10.82 -0.31
N LYS B 76 -17.58 -11.36 0.89
CA LYS B 76 -16.46 -10.96 1.74
C LYS B 76 -15.19 -11.77 1.48
N LEU B 77 -14.10 -11.06 1.23
CA LEU B 77 -12.78 -11.67 1.07
C LEU B 77 -11.85 -11.14 2.14
N VAL B 78 -11.26 -12.06 2.89
CA VAL B 78 -10.35 -11.71 3.97
C VAL B 78 -8.91 -12.01 3.54
N ASP B 79 -8.04 -11.00 3.65
CA ASP B 79 -6.61 -11.17 3.33
C ASP B 79 -5.87 -11.84 4.48
N PHE B 80 -5.72 -13.16 4.40
CA PHE B 80 -5.07 -13.95 5.45
C PHE B 80 -3.62 -14.30 5.12
N ARG B 81 -3.06 -13.67 4.09
CA ARG B 81 -1.68 -13.88 3.68
C ARG B 81 -0.69 -13.84 4.85
N GLU B 82 -0.87 -12.85 5.72
CA GLU B 82 -0.02 -12.71 6.89
C GLU B 82 -0.20 -13.85 7.89
N LEU B 83 -1.44 -14.21 8.20
CA LEU B 83 -1.71 -15.32 9.11
C LEU B 83 -1.14 -16.64 8.56
N ASN B 84 -1.38 -16.87 7.27
CA ASN B 84 -0.89 -18.08 6.62
C ASN B 84 0.61 -18.33 6.77
N LYS B 85 1.40 -17.25 6.72
CA LYS B 85 2.84 -17.34 6.93
C LYS B 85 3.17 -17.75 8.37
N ARG B 86 2.32 -17.32 9.30
CA ARG B 86 2.60 -17.49 10.72
C ARG B 86 1.98 -18.76 11.29
N THR B 87 1.35 -19.55 10.41
CA THR B 87 0.80 -20.85 10.75
C THR B 87 1.23 -21.89 9.71
N GLN B 88 2.20 -21.51 8.87
CA GLN B 88 2.68 -22.34 7.76
C GLN B 88 2.96 -23.81 8.12
N ASP B 89 3.67 -24.02 9.21
CA ASP B 89 3.98 -25.37 9.70
C ASP B 89 2.71 -26.24 9.83
N PHE B 90 1.60 -25.62 10.21
CA PHE B 90 0.34 -26.33 10.40
C PHE B 90 -0.30 -26.85 9.10
N TRP B 91 -0.44 -25.98 8.10
CA TRP B 91 -1.11 -26.33 6.85
C TRP B 91 -0.20 -26.96 5.79
N GLU B 92 1.05 -27.22 6.15
CA GLU B 92 2.06 -27.61 5.17
C GLU B 92 2.88 -28.83 5.60
N VAL B 93 3.32 -28.82 6.86
CA VAL B 93 4.06 -29.95 7.43
C VAL B 93 3.42 -30.46 8.72
N GLN B 94 2.10 -30.65 8.66
CA GLN B 94 1.32 -31.29 9.71
C GLN B 94 0.10 -31.92 9.05
N LEU B 95 -0.61 -31.11 8.27
CA LEU B 95 -1.82 -31.53 7.57
C LEU B 95 -1.81 -31.09 6.10
N GLY B 96 -0.64 -31.17 5.47
CA GLY B 96 -0.47 -30.79 4.07
C GLY B 96 -1.32 -31.60 3.11
N ILE B 97 -1.91 -30.92 2.12
CA ILE B 97 -2.69 -31.57 1.08
C ILE B 97 -1.79 -31.85 -0.13
N PRO B 98 -1.57 -33.13 -0.45
CA PRO B 98 -0.71 -33.54 -1.57
C PRO B 98 -1.19 -33.03 -2.93
N HIS B 99 -0.24 -32.68 -3.81
CA HIS B 99 -0.53 -32.20 -5.15
C HIS B 99 -0.31 -33.30 -6.21
N PRO B 100 -1.33 -33.56 -7.04
CA PRO B 100 -1.24 -34.56 -8.10
C PRO B 100 -0.68 -34.01 -9.40
N ALA B 101 0.31 -34.70 -9.93
CA ALA B 101 1.01 -34.28 -11.15
C ALA B 101 0.16 -34.41 -12.42
N GLY B 102 -0.99 -35.07 -12.29
CA GLY B 102 -1.86 -35.35 -13.43
C GLY B 102 -2.80 -34.22 -13.80
N LEU B 103 -3.08 -33.37 -12.81
CA LEU B 103 -4.01 -32.25 -12.96
C LEU B 103 -3.68 -31.36 -14.15
N LYS B 104 -2.40 -31.03 -14.32
CA LYS B 104 -1.94 -30.21 -15.45
C LYS B 104 -2.02 -30.93 -16.80
N LYS B 105 -2.07 -32.27 -16.77
CA LYS B 105 -2.12 -33.06 -17.99
C LYS B 105 -3.55 -33.28 -18.49
N ASN B 106 -4.52 -32.98 -17.63
CA ASN B 106 -5.94 -33.19 -17.95
C ASN B 106 -6.43 -32.36 -19.15
N LYS B 107 -7.46 -32.87 -19.83
CA LYS B 107 -8.03 -32.19 -20.98
C LYS B 107 -8.96 -31.06 -20.55
N SER B 108 -9.57 -31.20 -19.37
CA SER B 108 -10.44 -30.17 -18.79
C SER B 108 -10.37 -30.17 -17.28
N VAL B 109 -10.20 -29.00 -16.69
CA VAL B 109 -10.22 -28.83 -15.23
C VAL B 109 -11.22 -27.75 -14.83
N THR B 110 -12.19 -28.14 -14.02
CA THR B 110 -13.19 -27.23 -13.48
C THR B 110 -12.87 -26.86 -12.04
N VAL B 111 -13.04 -25.59 -11.71
CA VAL B 111 -12.74 -25.06 -10.38
C VAL B 111 -14.04 -24.72 -9.66
N LEU B 112 -14.23 -25.29 -8.47
CA LEU B 112 -15.44 -25.07 -7.69
C LEU B 112 -15.16 -24.42 -6.34
N ASP B 113 -15.87 -23.32 -6.06
CA ASP B 113 -15.80 -22.66 -4.76
C ASP B 113 -16.49 -23.52 -3.72
N VAL B 114 -15.69 -24.24 -2.97
CA VAL B 114 -16.17 -25.21 -2.01
C VAL B 114 -16.06 -24.63 -0.59
N GLY B 115 -15.64 -23.37 -0.52
CA GLY B 115 -15.29 -22.69 0.74
C GLY B 115 -16.39 -22.49 1.76
N ASP B 116 -17.65 -22.69 1.35
CA ASP B 116 -18.78 -22.59 2.29
C ASP B 116 -18.83 -23.73 3.30
N ALA B 117 -18.13 -24.82 3.00
CA ALA B 117 -18.02 -25.96 3.90
C ALA B 117 -17.49 -25.60 5.29
N TYR B 118 -16.51 -24.71 5.33
CA TYR B 118 -15.75 -24.45 6.54
C TYR B 118 -16.56 -23.87 7.71
N PHE B 119 -17.75 -23.35 7.43
CA PHE B 119 -18.54 -22.72 8.50
C PHE B 119 -19.19 -23.72 9.46
N SER B 120 -19.35 -24.97 9.01
CA SER B 120 -19.91 -26.03 9.84
C SER B 120 -18.94 -26.50 10.92
N VAL B 121 -17.64 -26.41 10.63
CA VAL B 121 -16.60 -26.83 11.59
C VAL B 121 -16.20 -25.65 12.49
N PRO B 122 -16.38 -25.81 13.82
CA PRO B 122 -15.89 -24.78 14.77
C PRO B 122 -14.36 -24.67 14.84
N LEU B 123 -13.88 -23.48 15.18
CA LEU B 123 -12.45 -23.18 15.26
C LEU B 123 -11.95 -23.30 16.70
N ASP B 124 -10.70 -23.75 16.86
CA ASP B 124 -10.07 -23.85 18.17
C ASP B 124 -10.20 -22.56 18.97
N GLU B 125 -10.79 -22.69 20.16
CA GLU B 125 -11.06 -21.56 21.08
C GLU B 125 -9.90 -20.58 21.20
N ASP B 126 -8.73 -21.11 21.56
CA ASP B 126 -7.53 -20.30 21.82
C ASP B 126 -6.97 -19.61 20.57
N PHE B 127 -7.40 -20.06 19.39
CA PHE B 127 -6.88 -19.55 18.12
C PHE B 127 -7.74 -18.43 17.52
N ARG B 128 -9.03 -18.44 17.87
CA ARG B 128 -10.00 -17.48 17.35
C ARG B 128 -9.54 -16.02 17.35
N LYS B 129 -8.68 -15.66 18.30
CA LYS B 129 -8.25 -14.27 18.45
C LYS B 129 -7.37 -13.77 17.30
N TYR B 130 -6.66 -14.69 16.67
CA TYR B 130 -5.77 -14.35 15.55
C TYR B 130 -6.50 -14.05 14.25
N THR B 131 -7.78 -14.40 14.19
CA THR B 131 -8.59 -14.17 12.98
C THR B 131 -9.32 -12.83 13.04
N ALA B 132 -8.86 -11.93 13.91
CA ALA B 132 -9.49 -10.63 14.08
C ALA B 132 -9.41 -9.77 12.82
N PHE B 133 -10.55 -9.16 12.48
CA PHE B 133 -10.62 -8.22 11.36
C PHE B 133 -11.51 -7.02 11.70
N THR B 134 -11.42 -5.98 10.88
CA THR B 134 -12.12 -4.74 11.18
C THR B 134 -12.85 -4.20 9.96
N ILE B 135 -14.07 -3.70 10.19
CA ILE B 135 -14.79 -2.94 9.19
C ILE B 135 -14.68 -1.48 9.58
N PRO B 136 -13.97 -0.67 8.77
CA PRO B 136 -13.76 0.71 9.17
C PRO B 136 -14.91 1.59 8.72
N SER B 137 -14.95 2.82 9.24
CA SER B 137 -15.97 3.77 8.84
C SER B 137 -15.37 4.87 7.96
N ILE B 138 -16.21 5.41 7.07
CA ILE B 138 -15.85 6.55 6.25
C ILE B 138 -15.41 7.72 7.13
N ASN B 139 -14.29 8.34 6.76
CA ASN B 139 -13.75 9.50 7.48
C ASN B 139 -13.54 9.22 8.96
N ASN B 140 -13.35 7.94 9.31
CA ASN B 140 -13.06 7.53 10.69
C ASN B 140 -14.01 8.16 11.71
N GLU B 141 -15.28 8.29 11.32
CA GLU B 141 -16.27 8.97 12.15
C GLU B 141 -16.67 8.15 13.38
N THR B 142 -16.72 6.83 13.20
CA THR B 142 -17.03 5.91 14.29
C THR B 142 -15.88 4.93 14.45
N PRO B 143 -15.66 4.43 15.67
CA PRO B 143 -14.71 3.31 15.83
C PRO B 143 -15.02 2.17 14.88
N GLY B 144 -13.99 1.46 14.46
CA GLY B 144 -14.15 0.31 13.57
C GLY B 144 -14.88 -0.82 14.27
N ILE B 145 -15.70 -1.54 13.50
CA ILE B 145 -16.42 -2.70 14.01
C ILE B 145 -15.51 -3.93 13.99
N ARG B 146 -15.24 -4.48 15.17
CA ARG B 146 -14.24 -5.55 15.34
C ARG B 146 -14.90 -6.92 15.53
N TYR B 147 -14.31 -7.94 14.89
CA TYR B 147 -14.88 -9.28 14.88
C TYR B 147 -13.79 -10.35 14.96
N GLN B 148 -14.19 -11.58 15.28
CA GLN B 148 -13.31 -12.75 15.19
C GLN B 148 -14.12 -13.98 14.83
N TYR B 149 -13.49 -14.92 14.12
CA TYR B 149 -14.16 -16.15 13.70
C TYR B 149 -14.33 -17.17 14.84
N ASN B 150 -15.50 -17.82 14.86
CA ASN B 150 -15.74 -18.94 15.78
C ASN B 150 -15.62 -20.26 15.03
N VAL B 151 -15.68 -20.17 13.71
CA VAL B 151 -15.60 -21.34 12.83
C VAL B 151 -14.37 -21.20 11.92
N LEU B 152 -14.06 -22.23 11.15
CA LEU B 152 -12.97 -22.16 10.18
C LEU B 152 -13.27 -21.06 9.16
N PRO B 153 -12.34 -20.09 9.01
CA PRO B 153 -12.59 -18.98 8.10
C PRO B 153 -12.16 -19.27 6.67
N GLN B 154 -12.81 -18.63 5.72
CA GLN B 154 -12.43 -18.69 4.32
C GLN B 154 -11.15 -17.92 4.06
N GLY B 155 -10.28 -18.48 3.21
CA GLY B 155 -9.01 -17.83 2.89
C GLY B 155 -7.87 -18.14 3.84
N TRP B 156 -8.17 -18.79 4.97
CA TRP B 156 -7.12 -19.26 5.86
C TRP B 156 -6.68 -20.65 5.46
N LYS B 157 -5.37 -20.83 5.35
CA LYS B 157 -4.80 -22.07 4.84
C LYS B 157 -4.97 -23.27 5.78
N GLY B 158 -5.16 -22.98 7.07
CA GLY B 158 -5.44 -24.02 8.05
C GLY B 158 -6.78 -24.69 7.84
N SER B 159 -7.73 -23.94 7.26
CA SER B 159 -9.09 -24.43 7.04
C SER B 159 -9.21 -25.70 6.21
N PRO B 160 -8.66 -25.73 4.97
CA PRO B 160 -8.70 -26.97 4.19
C PRO B 160 -7.85 -28.11 4.78
N ALA B 161 -6.81 -27.76 5.53
CA ALA B 161 -5.98 -28.76 6.19
C ALA B 161 -6.77 -29.52 7.25
N ILE B 162 -7.55 -28.77 8.02
CA ILE B 162 -8.40 -29.32 9.06
C ILE B 162 -9.56 -30.08 8.44
N PHE B 163 -10.15 -29.49 7.39
CA PHE B 163 -11.33 -30.06 6.76
C PHE B 163 -11.00 -31.29 5.92
N GLN B 164 -9.71 -31.50 5.64
CA GLN B 164 -9.27 -32.56 4.74
C GLN B 164 -9.94 -33.93 4.97
N SER B 165 -10.07 -34.32 6.23
CA SER B 165 -10.68 -35.62 6.57
C SER B 165 -12.19 -35.63 6.30
N SER B 166 -12.86 -34.51 6.53
CA SER B 166 -14.27 -34.37 6.20
C SER B 166 -14.47 -34.36 4.69
N MET B 167 -13.53 -33.73 3.97
CA MET B 167 -13.58 -33.63 2.52
C MET B 167 -13.42 -35.00 1.89
N THR B 168 -12.47 -35.78 2.40
CA THR B 168 -12.16 -37.13 1.90
C THR B 168 -13.40 -38.01 1.98
N LYS B 169 -14.09 -37.92 3.13
CA LYS B 169 -15.36 -38.57 3.37
C LYS B 169 -16.38 -38.20 2.30
N ILE B 170 -16.71 -36.91 2.21
CA ILE B 170 -17.63 -36.38 1.20
C ILE B 170 -17.33 -36.92 -0.22
N LEU B 171 -16.06 -36.92 -0.59
CA LEU B 171 -15.64 -37.26 -1.95
C LEU B 171 -15.44 -38.76 -2.18
N GLU B 172 -15.41 -39.54 -1.10
CA GLU B 172 -15.14 -40.98 -1.16
C GLU B 172 -15.96 -41.73 -2.23
N PRO B 173 -17.31 -41.63 -2.20
CA PRO B 173 -18.13 -42.39 -3.15
C PRO B 173 -17.95 -41.93 -4.59
N PHE B 174 -17.84 -40.62 -4.80
CA PHE B 174 -17.62 -40.04 -6.13
C PHE B 174 -16.27 -40.46 -6.72
N ARG B 175 -15.24 -40.49 -5.86
CA ARG B 175 -13.92 -40.95 -6.26
C ARG B 175 -13.94 -42.43 -6.61
N LYS B 176 -14.68 -43.22 -5.83
CA LYS B 176 -14.88 -44.64 -6.09
C LYS B 176 -15.56 -44.88 -7.44
N GLN B 177 -16.55 -44.05 -7.75
CA GLN B 177 -17.31 -44.18 -9.00
C GLN B 177 -16.58 -43.64 -10.22
N ASN B 178 -15.62 -42.74 -10.01
CA ASN B 178 -14.82 -42.17 -11.12
C ASN B 178 -13.32 -42.14 -10.82
N PRO B 179 -12.64 -43.30 -10.93
CA PRO B 179 -11.21 -43.38 -10.57
C PRO B 179 -10.30 -42.49 -11.43
N ASP B 180 -10.72 -42.20 -12.66
CA ASP B 180 -9.95 -41.38 -13.59
C ASP B 180 -10.21 -39.89 -13.45
N ILE B 181 -10.88 -39.47 -12.36
CA ILE B 181 -11.12 -38.06 -12.11
C ILE B 181 -10.21 -37.54 -11.01
N VAL B 182 -9.44 -36.52 -11.35
CA VAL B 182 -8.49 -35.91 -10.43
C VAL B 182 -9.20 -34.81 -9.65
N ILE B 183 -9.16 -34.92 -8.33
CA ILE B 183 -9.68 -33.89 -7.46
C ILE B 183 -8.58 -33.37 -6.55
N TYR B 184 -8.26 -32.09 -6.72
CA TYR B 184 -7.25 -31.43 -5.90
C TYR B 184 -7.89 -30.31 -5.11
N GLN B 185 -7.57 -30.25 -3.83
CA GLN B 185 -8.05 -29.17 -2.98
C GLN B 185 -6.90 -28.22 -2.70
N TYR B 186 -7.07 -26.94 -3.06
CA TYR B 186 -6.04 -25.96 -2.75
C TYR B 186 -6.39 -25.12 -1.54
N MET B 187 -7.45 -24.31 -1.66
CA MET B 187 -7.84 -23.42 -0.57
C MET B 187 -9.34 -23.49 -0.32
N ASP B 188 -10.07 -22.49 -0.80
CA ASP B 188 -11.53 -22.53 -0.81
C ASP B 188 -12.00 -23.26 -2.05
N ASP B 189 -11.04 -23.70 -2.87
CA ASP B 189 -11.36 -24.24 -4.19
C ASP B 189 -11.03 -25.71 -4.35
N LEU B 190 -11.88 -26.38 -5.10
CA LEU B 190 -11.68 -27.76 -5.46
C LEU B 190 -11.38 -27.78 -6.95
N TYR B 191 -10.30 -28.44 -7.32
CA TYR B 191 -9.90 -28.53 -8.72
C TYR B 191 -10.21 -29.93 -9.22
N VAL B 192 -11.20 -30.01 -10.10
CA VAL B 192 -11.68 -31.28 -10.62
C VAL B 192 -11.30 -31.38 -12.09
N GLY B 193 -10.51 -32.39 -12.42
CA GLY B 193 -10.00 -32.56 -13.78
C GLY B 193 -10.22 -33.93 -14.37
N SER B 194 -10.63 -33.96 -15.63
CA SER B 194 -10.91 -35.22 -16.32
C SER B 194 -10.39 -35.20 -17.75
N ASP B 195 -10.22 -36.38 -18.32
CA ASP B 195 -9.82 -36.53 -19.72
C ASP B 195 -11.04 -36.86 -20.59
N LEU B 196 -12.23 -36.70 -20.04
CA LEU B 196 -13.47 -37.01 -20.75
C LEU B 196 -13.73 -36.04 -21.91
N GLU B 197 -14.85 -36.25 -22.60
CA GLU B 197 -15.34 -35.30 -23.58
C GLU B 197 -16.02 -34.19 -22.78
N ILE B 198 -16.07 -32.98 -23.33
CA ILE B 198 -16.57 -31.80 -22.60
C ILE B 198 -18.00 -31.93 -22.02
N GLY B 199 -18.93 -32.44 -22.82
CA GLY B 199 -20.30 -32.70 -22.36
C GLY B 199 -20.37 -33.65 -21.18
N GLN B 200 -19.54 -34.70 -21.23
CA GLN B 200 -19.46 -35.69 -20.16
C GLN B 200 -18.79 -35.13 -18.92
N HIS B 201 -17.79 -34.28 -19.13
CA HIS B 201 -17.09 -33.62 -18.04
C HIS B 201 -18.02 -32.69 -17.28
N ARG B 202 -18.73 -31.83 -18.01
CA ARG B 202 -19.62 -30.85 -17.41
C ARG B 202 -20.77 -31.54 -16.68
N THR B 203 -21.12 -32.73 -17.15
CA THR B 203 -22.13 -33.57 -16.51
C THR B 203 -21.57 -34.16 -15.20
N LYS B 204 -20.36 -34.70 -15.26
CA LYS B 204 -19.70 -35.23 -14.05
C LYS B 204 -19.50 -34.17 -12.96
N ILE B 205 -19.35 -32.92 -13.38
CA ILE B 205 -19.25 -31.80 -12.44
C ILE B 205 -20.59 -31.58 -11.72
N GLU B 206 -21.67 -31.46 -12.50
CA GLU B 206 -23.02 -31.31 -11.95
C GLU B 206 -23.34 -32.49 -11.03
N GLU B 207 -22.92 -33.68 -11.44
CA GLU B 207 -23.02 -34.89 -10.64
C GLU B 207 -22.30 -34.73 -9.30
N LEU B 208 -21.12 -34.10 -9.33
CA LEU B 208 -20.32 -33.87 -8.11
C LEU B 208 -20.93 -32.79 -7.23
N ARG B 209 -21.54 -31.77 -7.84
CA ARG B 209 -22.16 -30.68 -7.09
C ARG B 209 -23.31 -31.21 -6.22
N GLN B 210 -23.94 -32.30 -6.66
CA GLN B 210 -25.01 -32.96 -5.91
C GLN B 210 -24.49 -33.68 -4.67
N HIS B 211 -23.32 -34.31 -4.79
CA HIS B 211 -22.64 -34.89 -3.62
C HIS B 211 -22.40 -33.78 -2.61
N LEU B 212 -21.75 -32.71 -3.07
CA LEU B 212 -21.46 -31.53 -2.24
C LEU B 212 -22.71 -30.91 -1.61
N LEU B 213 -23.80 -30.87 -2.38
CA LEU B 213 -25.05 -30.25 -1.93
C LEU B 213 -25.65 -30.95 -0.71
N ARG B 214 -25.38 -32.25 -0.57
CA ARG B 214 -25.89 -33.03 0.54
C ARG B 214 -25.15 -32.73 1.84
N TRP B 215 -24.04 -32.00 1.75
CA TRP B 215 -23.29 -31.58 2.93
C TRP B 215 -23.36 -30.08 3.24
N GLY B 216 -23.82 -29.29 2.26
CA GLY B 216 -24.05 -27.86 2.46
C GLY B 216 -23.13 -26.95 1.66
N LEU B 217 -22.86 -27.32 0.41
CA LEU B 217 -21.93 -26.56 -0.43
C LEU B 217 -22.56 -26.23 -1.79
N THR B 218 -21.81 -25.51 -2.63
CA THR B 218 -22.25 -25.19 -3.99
C THR B 218 -21.05 -25.15 -4.95
N GLY B 234 -19.63 -24.52 -14.18
CA GLY B 234 -18.66 -23.76 -13.39
C GLY B 234 -17.49 -23.21 -14.19
N TYR B 235 -16.50 -22.69 -13.48
CA TYR B 235 -15.30 -22.10 -14.08
C TYR B 235 -14.34 -23.17 -14.63
N GLU B 236 -13.94 -23.01 -15.89
CA GLU B 236 -13.45 -24.12 -16.71
C GLU B 236 -12.12 -23.88 -17.46
N LEU B 237 -11.14 -24.75 -17.18
CA LEU B 237 -9.78 -24.66 -17.75
C LEU B 237 -9.44 -25.82 -18.66
N HIS B 238 -8.44 -25.63 -19.52
CA HIS B 238 -7.98 -26.69 -20.43
C HIS B 238 -6.45 -26.77 -20.44
N PRO B 239 -5.86 -27.38 -19.39
CA PRO B 239 -4.41 -27.39 -19.16
C PRO B 239 -3.58 -28.19 -20.15
N ASP B 240 -4.20 -29.16 -20.83
CA ASP B 240 -3.52 -29.92 -21.88
C ASP B 240 -3.18 -29.02 -23.07
N LYS B 241 -3.99 -27.97 -23.24
CA LYS B 241 -3.82 -27.01 -24.34
C LYS B 241 -3.01 -25.78 -23.91
N TRP B 242 -2.13 -25.96 -22.93
CA TRP B 242 -1.21 -24.90 -22.54
C TRP B 242 0.17 -25.16 -23.14
N THR B 243 0.29 -24.93 -24.44
CA THR B 243 1.58 -25.00 -25.12
C THR B 243 2.39 -23.73 -24.82
N VAL B 244 3.71 -23.83 -24.90
CA VAL B 244 4.63 -22.74 -24.56
C VAL B 244 4.40 -21.44 -25.33
N GLN B 245 4.99 -20.36 -24.83
CA GLN B 245 5.10 -19.11 -25.58
C GLN B 245 6.51 -19.05 -26.18
N PRO B 246 6.67 -19.55 -27.42
CA PRO B 246 8.00 -19.56 -28.04
C PRO B 246 8.38 -18.14 -28.44
N ILE B 247 9.61 -17.74 -28.10
CA ILE B 247 10.11 -16.42 -28.45
C ILE B 247 10.27 -16.36 -29.97
N VAL B 248 9.25 -15.87 -30.64
CA VAL B 248 9.20 -15.86 -32.10
C VAL B 248 10.18 -14.84 -32.67
N LEU B 249 11.12 -15.34 -33.47
CA LEU B 249 12.07 -14.51 -34.19
C LEU B 249 11.46 -14.12 -35.53
N PRO B 250 11.62 -12.83 -35.93
CA PRO B 250 10.99 -12.35 -37.17
C PRO B 250 11.47 -13.05 -38.44
N GLU B 251 10.61 -13.06 -39.44
CA GLU B 251 10.96 -13.45 -40.81
C GLU B 251 10.65 -12.24 -41.68
N LYS B 252 11.61 -11.84 -42.52
CA LYS B 252 11.47 -10.60 -43.27
C LYS B 252 12.31 -10.60 -44.55
N ASP B 253 11.86 -9.82 -45.54
CA ASP B 253 12.54 -9.69 -46.82
C ASP B 253 13.40 -8.43 -46.84
N SER B 254 14.71 -8.61 -46.97
CA SER B 254 15.70 -7.52 -46.98
C SER B 254 15.83 -6.81 -45.62
N TRP B 255 16.64 -7.41 -44.74
CA TRP B 255 16.88 -6.90 -43.39
C TRP B 255 17.73 -5.63 -43.41
N THR B 256 17.41 -4.70 -42.51
CA THR B 256 18.22 -3.50 -42.31
C THR B 256 19.12 -3.68 -41.09
N VAL B 257 20.24 -2.95 -41.07
CA VAL B 257 21.22 -3.02 -39.97
C VAL B 257 20.55 -3.02 -38.60
N ASN B 258 19.62 -2.10 -38.40
CA ASN B 258 18.84 -1.98 -37.17
C ASN B 258 18.14 -3.27 -36.78
N ASP B 259 17.50 -3.91 -37.78
CA ASP B 259 16.70 -5.11 -37.55
C ASP B 259 17.53 -6.29 -37.08
N ILE B 260 18.75 -6.39 -37.60
CA ILE B 260 19.66 -7.48 -37.27
C ILE B 260 20.28 -7.27 -35.89
N GLN B 261 20.40 -6.01 -35.49
CA GLN B 261 20.86 -5.65 -34.14
C GLN B 261 19.82 -6.07 -33.09
N LYS B 262 18.55 -5.78 -33.38
CA LYS B 262 17.43 -6.22 -32.54
C LYS B 262 17.37 -7.75 -32.49
N LEU B 263 17.75 -8.38 -33.60
CA LEU B 263 17.73 -9.82 -33.75
C LEU B 263 18.75 -10.50 -32.85
N VAL B 264 19.97 -9.96 -32.83
CA VAL B 264 21.05 -10.54 -32.02
C VAL B 264 20.85 -10.30 -30.52
N GLY B 265 20.32 -9.13 -30.17
CA GLY B 265 20.00 -8.80 -28.79
C GLY B 265 19.01 -9.78 -28.19
N LYS B 266 18.03 -10.19 -29.00
CA LYS B 266 17.03 -11.17 -28.61
C LYS B 266 17.68 -12.55 -28.42
N LEU B 267 18.56 -12.91 -29.34
CA LEU B 267 19.27 -14.19 -29.29
C LEU B 267 20.25 -14.28 -28.13
N ASN B 268 21.07 -13.24 -27.99
CA ASN B 268 22.05 -13.11 -26.90
C ASN B 268 21.42 -13.38 -25.53
N TRP B 269 20.22 -12.83 -25.33
CA TRP B 269 19.46 -13.05 -24.11
C TRP B 269 18.94 -14.49 -24.02
N ALA B 270 18.43 -14.99 -25.14
CA ALA B 270 17.87 -16.34 -25.20
C ALA B 270 18.89 -17.44 -24.91
N SER B 271 20.18 -17.14 -25.11
CA SER B 271 21.26 -18.08 -24.86
C SER B 271 21.64 -18.19 -23.38
N GLN B 272 21.10 -17.30 -22.55
CA GLN B 272 21.33 -17.34 -21.10
C GLN B 272 20.41 -18.33 -20.40
N ILE B 273 19.35 -18.74 -21.11
CA ILE B 273 18.39 -19.73 -20.61
C ILE B 273 18.43 -21.03 -21.43
N TYR B 274 18.29 -20.91 -22.75
CA TYR B 274 18.23 -22.07 -23.64
C TYR B 274 19.63 -22.49 -24.12
N PRO B 275 20.04 -23.73 -23.79
CA PRO B 275 21.32 -24.27 -24.22
C PRO B 275 21.35 -24.57 -25.72
N GLY B 276 22.44 -24.17 -26.38
CA GLY B 276 22.64 -24.45 -27.80
C GLY B 276 22.37 -23.28 -28.73
N ILE B 277 21.90 -22.16 -28.17
CA ILE B 277 21.60 -20.97 -28.97
C ILE B 277 22.87 -20.33 -29.52
N LYS B 278 23.05 -20.46 -30.84
CA LYS B 278 24.21 -19.89 -31.53
C LYS B 278 23.87 -18.52 -32.17
N VAL B 279 24.87 -17.64 -32.21
CA VAL B 279 24.65 -16.22 -32.52
C VAL B 279 25.68 -15.62 -33.50
N ARG B 280 26.83 -16.27 -33.63
CA ARG B 280 28.00 -15.68 -34.28
C ARG B 280 27.78 -15.19 -35.72
N GLN B 281 27.18 -16.04 -36.55
CA GLN B 281 27.04 -15.78 -37.99
C GLN B 281 26.31 -14.48 -38.33
N LEU B 282 25.33 -14.12 -37.49
CA LEU B 282 24.55 -12.90 -37.69
C LEU B 282 25.38 -11.63 -37.57
N CYS B 283 26.26 -11.61 -36.56
CA CYS B 283 27.08 -10.42 -36.25
C CYS B 283 28.20 -10.22 -37.25
N LYS B 284 28.62 -11.31 -37.88
CA LYS B 284 29.64 -11.28 -38.93
C LYS B 284 29.19 -10.41 -40.10
N LEU B 285 27.87 -10.24 -40.21
CA LEU B 285 27.27 -9.37 -41.22
C LEU B 285 27.32 -7.91 -40.78
N LEU B 286 27.54 -7.71 -39.48
CA LEU B 286 27.67 -6.37 -38.89
C LEU B 286 29.12 -6.12 -38.49
N ARG B 287 29.94 -5.77 -39.48
CA ARG B 287 31.36 -5.47 -39.25
C ARG B 287 31.70 -4.08 -39.76
N GLY B 288 32.28 -3.26 -38.90
CA GLY B 288 32.59 -1.86 -39.24
C GLY B 288 31.45 -0.92 -38.94
N THR B 289 31.78 0.34 -38.67
CA THR B 289 30.81 1.35 -38.27
C THR B 289 29.85 1.78 -39.40
N LYS B 290 28.69 1.14 -39.44
CA LYS B 290 27.69 1.39 -40.49
C LYS B 290 26.45 2.10 -39.97
N ALA B 291 25.69 2.70 -40.88
CA ALA B 291 24.41 3.33 -40.55
C ALA B 291 23.33 2.28 -40.29
N LEU B 292 22.26 2.69 -39.63
CA LEU B 292 21.18 1.78 -39.25
C LEU B 292 20.24 1.46 -40.41
N THR B 293 19.85 2.49 -41.16
CA THR B 293 18.91 2.34 -42.27
C THR B 293 19.47 1.61 -43.49
N GLU B 294 20.79 1.57 -43.60
CA GLU B 294 21.48 0.89 -44.70
C GLU B 294 21.08 -0.58 -44.79
N VAL B 295 20.31 -0.91 -45.83
CA VAL B 295 19.86 -2.27 -46.07
C VAL B 295 21.05 -3.13 -46.47
N ILE B 296 21.30 -4.20 -45.73
CA ILE B 296 22.36 -5.14 -46.09
C ILE B 296 21.79 -6.51 -46.45
N PRO B 297 22.33 -7.13 -47.53
CA PRO B 297 21.87 -8.46 -47.93
C PRO B 297 22.19 -9.53 -46.91
N LEU B 298 21.32 -10.52 -46.80
CA LEU B 298 21.47 -11.65 -45.89
C LEU B 298 22.17 -12.82 -46.59
N THR B 299 23.14 -13.44 -45.91
CA THR B 299 23.82 -14.61 -46.46
C THR B 299 22.95 -15.87 -46.28
N GLU B 300 23.59 -17.01 -46.01
CA GLU B 300 22.88 -18.27 -45.87
C GLU B 300 23.07 -18.88 -44.48
N GLU B 301 24.22 -18.58 -43.87
CA GLU B 301 24.54 -19.05 -42.53
C GLU B 301 23.61 -18.43 -41.50
N ALA B 302 22.97 -17.33 -41.89
CA ALA B 302 21.96 -16.67 -41.07
C ALA B 302 20.73 -17.54 -40.90
N GLU B 303 20.16 -18.00 -42.02
CA GLU B 303 18.95 -18.84 -42.00
C GLU B 303 19.22 -20.23 -41.45
N LEU B 304 20.49 -20.65 -41.53
CA LEU B 304 20.94 -21.91 -40.93
C LEU B 304 20.86 -21.84 -39.41
N GLU B 305 21.40 -20.78 -38.82
CA GLU B 305 21.31 -20.57 -37.38
C GLU B 305 19.91 -20.18 -36.93
N LEU B 306 19.29 -19.23 -37.64
CA LEU B 306 17.95 -18.75 -37.33
C LEU B 306 16.94 -19.88 -37.13
N ALA B 307 16.79 -20.73 -38.14
CA ALA B 307 15.83 -21.83 -38.11
C ALA B 307 16.17 -22.86 -37.02
N GLU B 308 17.47 -23.10 -36.83
CA GLU B 308 17.95 -23.99 -35.78
C GLU B 308 17.72 -23.40 -34.38
N ASN B 309 17.70 -22.07 -34.30
CA ASN B 309 17.32 -21.37 -33.07
C ASN B 309 15.82 -21.53 -32.81
N ARG B 310 15.01 -21.14 -33.80
CA ARG B 310 13.55 -21.29 -33.74
C ARG B 310 13.16 -22.67 -33.23
N GLU B 311 13.90 -23.67 -33.71
CA GLU B 311 13.71 -25.08 -33.34
C GLU B 311 13.86 -25.29 -31.83
N ILE B 312 14.83 -24.63 -31.21
CA ILE B 312 15.09 -24.76 -29.78
C ILE B 312 14.08 -24.00 -28.93
N LEU B 313 13.72 -22.79 -29.36
CA LEU B 313 12.77 -21.94 -28.63
C LEU B 313 11.37 -22.56 -28.47
N LYS B 314 10.93 -23.32 -29.47
CA LYS B 314 9.58 -23.93 -29.42
C LYS B 314 9.47 -25.15 -28.49
N GLU B 315 10.60 -25.63 -27.97
CA GLU B 315 10.64 -26.72 -27.01
C GLU B 315 10.75 -26.16 -25.59
N PRO B 316 10.41 -26.98 -24.55
CA PRO B 316 10.62 -26.51 -23.16
C PRO B 316 12.10 -26.33 -22.81
N VAL B 317 12.36 -25.66 -21.69
CA VAL B 317 13.73 -25.41 -21.23
C VAL B 317 14.34 -26.71 -20.76
N HIS B 318 15.53 -27.01 -21.24
CA HIS B 318 16.23 -28.20 -20.80
C HIS B 318 17.01 -27.92 -19.52
N GLY B 319 16.76 -28.73 -18.49
CA GLY B 319 17.51 -28.67 -17.24
C GLY B 319 16.88 -27.83 -16.14
N VAL B 320 15.66 -27.34 -16.41
CA VAL B 320 14.95 -26.52 -15.43
C VAL B 320 13.86 -27.34 -14.76
N TYR B 321 14.01 -27.50 -13.44
CA TYR B 321 13.06 -28.27 -12.67
C TYR B 321 12.59 -27.56 -11.41
N TYR B 322 11.35 -27.83 -11.03
CA TYR B 322 10.74 -27.20 -9.89
C TYR B 322 11.24 -27.79 -8.58
N ASP B 323 11.81 -26.92 -7.74
CA ASP B 323 12.20 -27.28 -6.37
C ASP B 323 11.07 -26.86 -5.44
N PRO B 324 10.38 -27.85 -4.82
CA PRO B 324 9.23 -27.58 -3.97
C PRO B 324 9.53 -26.77 -2.71
N SER B 325 10.82 -26.57 -2.41
CA SER B 325 11.23 -25.79 -1.24
C SER B 325 11.71 -24.37 -1.62
N LYS B 326 11.52 -24.00 -2.88
CA LYS B 326 11.86 -22.67 -3.37
C LYS B 326 10.62 -21.92 -3.84
N ASP B 327 10.52 -20.65 -3.45
CA ASP B 327 9.43 -19.76 -3.85
C ASP B 327 9.32 -19.63 -5.37
N LEU B 328 8.09 -19.57 -5.85
CA LEU B 328 7.84 -19.26 -7.25
C LEU B 328 7.75 -17.76 -7.45
N ILE B 329 8.25 -17.28 -8.59
CA ILE B 329 8.19 -15.87 -8.93
C ILE B 329 7.57 -15.71 -10.32
N ALA B 330 6.73 -14.69 -10.48
CA ALA B 330 6.17 -14.38 -11.79
C ALA B 330 6.37 -12.91 -12.14
N GLU B 331 6.86 -12.67 -13.35
CA GLU B 331 7.05 -11.33 -13.89
C GLU B 331 6.07 -11.11 -15.00
N ILE B 332 5.49 -9.92 -15.04
CA ILE B 332 4.51 -9.56 -16.06
C ILE B 332 4.99 -8.28 -16.74
N GLN B 333 5.02 -8.28 -18.06
CA GLN B 333 5.37 -7.08 -18.83
C GLN B 333 4.19 -6.58 -19.63
N LYS B 334 3.97 -5.26 -19.58
CA LYS B 334 2.98 -4.61 -20.42
C LYS B 334 3.49 -4.57 -21.86
N GLN B 335 2.63 -4.98 -22.81
CA GLN B 335 3.02 -5.01 -24.22
C GLN B 335 2.31 -3.96 -25.06
N GLY B 336 1.31 -3.31 -24.48
CA GLY B 336 0.44 -2.39 -25.21
C GLY B 336 -0.54 -3.17 -26.07
N GLN B 337 -1.44 -2.46 -26.75
CA GLN B 337 -2.49 -3.10 -27.56
C GLN B 337 -3.21 -4.20 -26.76
N GLY B 338 -3.39 -3.96 -25.46
CA GLY B 338 -4.06 -4.89 -24.56
C GLY B 338 -3.41 -6.26 -24.44
N GLN B 339 -2.08 -6.29 -24.49
CA GLN B 339 -1.34 -7.54 -24.48
C GLN B 339 -0.39 -7.58 -23.31
N TRP B 340 -0.23 -8.76 -22.70
CA TRP B 340 0.62 -8.93 -21.52
C TRP B 340 1.37 -10.25 -21.56
N THR B 341 2.69 -10.20 -21.48
CA THR B 341 3.51 -11.41 -21.39
C THR B 341 3.97 -11.61 -19.95
N TYR B 342 4.13 -12.87 -19.57
CA TYR B 342 4.54 -13.23 -18.22
C TYR B 342 5.47 -14.44 -18.18
N GLN B 343 6.26 -14.54 -17.12
CA GLN B 343 7.17 -15.68 -16.94
C GLN B 343 7.15 -16.16 -15.50
N ILE B 344 7.11 -17.48 -15.31
CA ILE B 344 7.22 -18.08 -14.00
C ILE B 344 8.59 -18.74 -13.88
N TYR B 345 9.25 -18.51 -12.75
CA TYR B 345 10.58 -19.08 -12.48
C TYR B 345 10.85 -19.06 -10.97
N GLN B 346 11.86 -19.82 -10.55
CA GLN B 346 12.34 -19.79 -9.16
C GLN B 346 13.72 -19.15 -9.11
N GLU B 347 14.58 -19.54 -10.05
CA GLU B 347 15.86 -18.89 -10.29
C GLU B 347 15.75 -18.07 -11.57
N PRO B 348 16.26 -16.82 -11.57
CA PRO B 348 16.06 -15.91 -12.70
C PRO B 348 16.56 -16.48 -14.02
N PHE B 349 15.77 -16.26 -15.07
CA PHE B 349 16.00 -16.79 -16.42
C PHE B 349 15.69 -18.28 -16.59
N LYS B 350 15.78 -19.05 -15.50
CA LYS B 350 15.39 -20.46 -15.54
C LYS B 350 13.86 -20.61 -15.48
N ASN B 351 13.21 -20.36 -16.62
CA ASN B 351 11.76 -20.30 -16.73
C ASN B 351 11.08 -21.65 -16.66
N LEU B 352 10.17 -21.80 -15.70
CA LEU B 352 9.33 -22.98 -15.63
C LEU B 352 8.24 -22.93 -16.69
N LYS B 353 7.79 -21.71 -17.02
CA LYS B 353 6.71 -21.48 -17.98
C LYS B 353 6.64 -20.01 -18.38
N THR B 354 6.45 -19.76 -19.68
CA THR B 354 6.19 -18.42 -20.20
C THR B 354 4.79 -18.40 -20.79
N GLY B 355 4.23 -17.22 -21.00
CA GLY B 355 2.88 -17.10 -21.53
C GLY B 355 2.48 -15.72 -22.01
N LYS B 356 1.19 -15.57 -22.27
CA LYS B 356 0.61 -14.33 -22.79
C LYS B 356 -0.75 -14.08 -22.15
N TYR B 357 -1.31 -12.89 -22.41
CA TYR B 357 -2.67 -12.56 -22.00
C TYR B 357 -3.27 -11.52 -22.94
N ALA B 358 -4.41 -11.86 -23.54
CA ALA B 358 -5.14 -10.97 -24.44
C ALA B 358 -6.10 -10.08 -23.65
N ARG B 359 -6.45 -8.93 -24.24
CA ARG B 359 -7.30 -7.90 -23.61
C ARG B 359 -8.45 -8.43 -22.74
N HIS B 364 -14.56 -0.60 -22.86
CA HIS B 364 -13.92 -0.25 -21.59
C HIS B 364 -13.09 -1.42 -21.02
N THR B 365 -11.77 -1.29 -21.10
CA THR B 365 -10.83 -2.24 -20.51
C THR B 365 -9.50 -1.53 -20.31
N ASN B 366 -9.11 -1.39 -19.05
CA ASN B 366 -7.94 -0.59 -18.68
C ASN B 366 -6.76 -1.43 -18.19
N ASP B 367 -5.64 -0.76 -17.95
CA ASP B 367 -4.39 -1.42 -17.56
C ASP B 367 -4.54 -2.26 -16.30
N VAL B 368 -5.11 -1.67 -15.25
CA VAL B 368 -5.26 -2.32 -13.96
C VAL B 368 -6.23 -3.51 -14.06
N LYS B 369 -7.37 -3.29 -14.72
CA LYS B 369 -8.34 -4.35 -14.98
C LYS B 369 -7.66 -5.57 -15.63
N GLN B 370 -6.89 -5.32 -16.67
CA GLN B 370 -6.19 -6.37 -17.41
C GLN B 370 -5.11 -7.02 -16.56
N LEU B 371 -4.37 -6.19 -15.83
CA LEU B 371 -3.31 -6.68 -14.94
C LEU B 371 -3.89 -7.57 -13.85
N THR B 372 -4.95 -7.13 -13.17
CA THR B 372 -5.60 -7.96 -12.15
C THR B 372 -6.13 -9.26 -12.74
N GLU B 373 -6.65 -9.21 -13.96
CA GLU B 373 -7.14 -10.41 -14.62
C GLU B 373 -5.99 -11.36 -14.98
N ALA B 374 -4.88 -10.79 -15.44
CA ALA B 374 -3.70 -11.58 -15.78
C ALA B 374 -3.16 -12.30 -14.54
N VAL B 375 -2.96 -11.55 -13.46
CA VAL B 375 -2.49 -12.09 -12.19
C VAL B 375 -3.29 -13.33 -11.79
N GLN B 376 -4.61 -13.22 -11.84
CA GLN B 376 -5.47 -14.35 -11.49
C GLN B 376 -5.24 -15.51 -12.44
N LYS B 377 -5.24 -15.24 -13.75
CA LYS B 377 -4.98 -16.29 -14.72
C LYS B 377 -3.70 -17.04 -14.37
N ILE B 378 -2.60 -16.30 -14.28
CA ILE B 378 -1.28 -16.86 -13.98
C ILE B 378 -1.28 -17.65 -12.67
N THR B 379 -1.99 -17.14 -11.67
CA THR B 379 -2.05 -17.80 -10.38
C THR B 379 -2.79 -19.12 -10.42
N THR B 380 -3.92 -19.18 -11.12
CA THR B 380 -4.66 -20.44 -11.26
C THR B 380 -3.77 -21.49 -11.92
N GLU B 381 -3.14 -21.11 -13.03
CA GLU B 381 -2.23 -22.01 -13.76
C GLU B 381 -1.12 -22.50 -12.84
N SER B 382 -0.66 -21.63 -11.97
CA SER B 382 0.40 -21.99 -11.03
C SER B 382 -0.10 -23.03 -10.03
N ILE B 383 -1.27 -22.78 -9.45
CA ILE B 383 -1.92 -23.71 -8.52
C ILE B 383 -2.13 -25.07 -9.20
N VAL B 384 -2.56 -25.04 -10.46
CA VAL B 384 -2.82 -26.25 -11.22
C VAL B 384 -1.54 -27.05 -11.43
N ILE B 385 -0.42 -26.35 -11.62
CA ILE B 385 0.83 -27.02 -11.97
C ILE B 385 1.69 -27.41 -10.77
N TRP B 386 1.77 -26.54 -9.77
CA TRP B 386 2.70 -26.77 -8.66
C TRP B 386 2.02 -26.84 -7.30
N GLY B 387 0.80 -26.31 -7.22
CA GLY B 387 0.03 -26.34 -5.99
C GLY B 387 0.40 -25.23 -5.03
N LYS B 388 1.05 -24.19 -5.56
CA LYS B 388 1.25 -22.95 -4.80
C LYS B 388 1.18 -21.69 -5.67
N THR B 389 0.89 -20.56 -5.03
CA THR B 389 0.83 -19.28 -5.73
C THR B 389 2.22 -18.66 -5.81
N PRO B 390 2.54 -18.01 -6.95
CA PRO B 390 3.83 -17.35 -7.08
C PRO B 390 3.83 -15.94 -6.50
N LYS B 391 5.00 -15.45 -6.09
CA LYS B 391 5.13 -14.04 -5.71
C LYS B 391 5.26 -13.21 -6.99
N PHE B 392 4.37 -12.24 -7.15
CA PHE B 392 4.31 -11.44 -8.37
C PHE B 392 5.16 -10.18 -8.35
N LYS B 393 5.86 -9.95 -9.46
CA LYS B 393 6.56 -8.69 -9.69
C LYS B 393 5.69 -7.83 -10.61
N LEU B 394 5.03 -6.83 -10.03
CA LEU B 394 4.00 -6.08 -10.75
C LEU B 394 4.48 -4.74 -11.35
N PRO B 395 4.33 -4.58 -12.68
CA PRO B 395 4.74 -3.37 -13.40
C PRO B 395 3.78 -2.21 -13.14
N ILE B 396 3.66 -1.82 -11.88
CA ILE B 396 2.66 -0.84 -11.45
C ILE B 396 3.10 -0.12 -10.17
N GLN B 397 2.55 1.06 -9.94
CA GLN B 397 2.77 1.78 -8.71
C GLN B 397 1.99 1.12 -7.57
N LYS B 398 2.67 0.95 -6.44
CA LYS B 398 2.07 0.38 -5.24
C LYS B 398 0.68 0.94 -4.96
N GLU B 399 0.60 2.26 -4.73
CA GLU B 399 -0.65 2.92 -4.34
C GLU B 399 -1.78 2.66 -5.32
N THR B 400 -1.47 2.78 -6.61
CA THR B 400 -2.44 2.55 -7.68
C THR B 400 -3.03 1.13 -7.61
N TRP B 401 -2.15 0.15 -7.47
CA TRP B 401 -2.58 -1.24 -7.37
C TRP B 401 -3.47 -1.44 -6.17
N GLU B 402 -3.02 -0.92 -5.01
CA GLU B 402 -3.73 -1.11 -3.76
C GLU B 402 -5.13 -0.51 -3.77
N THR B 403 -5.29 0.67 -4.36
CA THR B 403 -6.60 1.31 -4.44
C THR B 403 -7.56 0.63 -5.42
N TRP B 404 -7.02 0.00 -6.47
CA TRP B 404 -7.84 -0.47 -7.59
C TRP B 404 -8.04 -1.96 -7.75
N TRP B 405 -7.13 -2.78 -7.22
CA TRP B 405 -7.13 -4.23 -7.48
C TRP B 405 -8.42 -4.97 -7.10
N THR B 406 -9.10 -4.49 -6.05
CA THR B 406 -10.31 -5.15 -5.58
C THR B 406 -11.50 -4.99 -6.52
N GLU B 407 -11.46 -3.96 -7.37
CA GLU B 407 -12.55 -3.67 -8.31
C GLU B 407 -12.77 -4.78 -9.33
N TYR B 408 -11.70 -5.52 -9.60
CA TYR B 408 -11.72 -6.51 -10.66
C TYR B 408 -11.33 -7.89 -10.15
N TRP B 409 -10.84 -7.96 -8.92
CA TRP B 409 -10.47 -9.22 -8.28
C TRP B 409 -11.68 -10.13 -8.11
N GLN B 410 -11.51 -11.41 -8.43
CA GLN B 410 -12.61 -12.36 -8.40
C GLN B 410 -12.29 -13.65 -7.67
N ALA B 411 -11.01 -13.96 -7.51
CA ALA B 411 -10.59 -15.20 -6.87
C ALA B 411 -10.81 -15.18 -5.35
N THR B 412 -10.70 -16.35 -4.73
CA THR B 412 -10.91 -16.51 -3.30
C THR B 412 -9.60 -16.40 -2.51
N TRP B 413 -8.48 -16.38 -3.24
CA TRP B 413 -7.16 -16.27 -2.65
C TRP B 413 -6.48 -14.97 -3.06
N ILE B 414 -5.39 -14.65 -2.38
CA ILE B 414 -4.55 -13.50 -2.74
C ILE B 414 -3.07 -13.92 -2.74
N PRO B 415 -2.41 -13.79 -3.89
CA PRO B 415 -0.98 -14.10 -3.95
C PRO B 415 -0.11 -12.96 -3.40
N GLU B 416 1.14 -13.27 -3.12
CA GLU B 416 2.12 -12.28 -2.68
C GLU B 416 2.54 -11.38 -3.86
N TRP B 417 2.67 -10.07 -3.62
CA TRP B 417 3.15 -9.16 -4.67
C TRP B 417 4.20 -8.12 -4.27
N GLU B 418 5.07 -7.83 -5.23
CA GLU B 418 6.03 -6.75 -5.19
C GLU B 418 5.70 -5.83 -6.34
N PHE B 419 6.21 -4.59 -6.28
CA PHE B 419 6.02 -3.64 -7.34
C PHE B 419 7.38 -3.27 -7.92
N VAL B 420 7.50 -3.29 -9.24
CA VAL B 420 8.81 -3.23 -9.88
C VAL B 420 8.88 -2.36 -11.13
N ASN B 421 10.12 -2.05 -11.52
CA ASN B 421 10.41 -1.46 -12.82
C ASN B 421 10.77 -2.55 -13.84
N THR B 422 9.86 -2.80 -14.79
CA THR B 422 10.12 -3.73 -15.88
C THR B 422 11.31 -3.23 -16.70
N PRO B 423 12.43 -4.00 -16.69
CA PRO B 423 13.57 -3.60 -17.52
C PRO B 423 13.11 -3.41 -18.96
N PRO B 424 13.37 -2.22 -19.54
CA PRO B 424 12.79 -1.78 -20.82
C PRO B 424 13.12 -2.72 -21.96
N LEU B 425 14.03 -3.66 -21.71
CA LEU B 425 14.48 -4.59 -22.73
C LEU B 425 13.96 -6.02 -22.55
N VAL B 426 13.64 -6.37 -21.30
CA VAL B 426 12.88 -7.60 -21.01
C VAL B 426 11.55 -7.54 -21.78
N LYS B 427 11.00 -6.33 -21.92
CA LYS B 427 9.74 -6.09 -22.62
C LYS B 427 9.72 -6.62 -24.05
N LEU B 428 10.70 -6.19 -24.86
CA LEU B 428 10.72 -6.56 -26.29
C LEU B 428 11.18 -7.99 -26.51
N TRP B 429 12.03 -8.49 -25.61
CA TRP B 429 12.51 -9.87 -25.68
C TRP B 429 11.36 -10.88 -25.72
N TYR B 430 10.38 -10.71 -24.83
CA TYR B 430 9.24 -11.62 -24.75
C TYR B 430 8.08 -11.21 -25.67
N GLN B 431 8.26 -10.11 -26.40
CA GLN B 431 7.23 -9.58 -27.30
C GLN B 431 7.15 -10.39 -28.59
MN MN C . 32.27 -1.18 -23.31
MN MN D . 29.08 0.15 -22.20
C LP7 E . 26.73 -3.01 -20.18
N LP7 E . 28.60 -1.90 -21.24
O LP7 E . 29.34 -6.14 -19.21
C1 LP7 E . 27.29 -1.95 -20.88
C2 LP7 E . 27.57 -4.07 -19.84
C3 LP7 E . 28.93 -4.07 -20.20
C4 LP7 E . 29.39 -2.95 -20.89
N5 LP7 E . 30.71 -2.93 -21.25
C6 LP7 E . 31.63 -3.89 -20.97
C7 LP7 E . 31.17 -5.02 -20.27
C8 LP7 E . 29.81 -5.09 -19.88
O9 LP7 E . 31.15 -1.81 -21.95
O10 LP7 E . 32.90 -3.80 -21.35
C11 LP7 E . 32.09 -6.14 -19.91
O12 LP7 E . 32.90 -6.64 -20.68
O13 LP7 E . 31.89 -6.50 -18.63
C14 LP7 E . 32.53 -5.70 -17.62
C15 LP7 E . 31.84 -5.97 -16.27
N1 NVP F . -19.22 16.63 14.01
CA NVP F . -20.29 15.63 13.91
CB NVP F . -20.53 14.73 15.12
CC NVP F . -21.51 15.87 14.80
N3 NVP F . -17.57 14.96 13.67
C4 NVP F . -16.26 14.59 13.82
C5 NVP F . -15.30 15.44 14.36
C6 NVP F . -15.72 16.55 15.08
CD NVP F . -14.76 17.25 15.99
C2 NVP F . -17.96 16.15 14.21
C7 NVP F . -17.07 16.93 15.00
N8 NVP F . -17.48 18.12 15.48
C9 NVP F . -18.12 19.19 14.92
OE NVP F . -17.89 20.31 15.38
C10 NVP F . -19.06 19.04 13.88
C15 NVP F . -19.39 17.80 13.29
C11 NVP F . -19.42 20.20 13.15
C12 NVP F . -19.98 20.10 11.88
C13 NVP F . -20.44 18.85 11.44
N14 NVP F . -20.23 17.72 12.20
#